data_9F3Z
#
_entry.id   9F3Z
#
_cell.length_a   106.050
_cell.length_b   56.690
_cell.length_c   182.296
_cell.angle_alpha   90.00
_cell.angle_beta   92.87
_cell.angle_gamma   90.00
#
_symmetry.space_group_name_H-M   'I 1 2 1'
#
loop_
_entity.id
_entity.type
_entity.pdbx_description
1 polymer 'Multicopper oxidase'
2 non-polymer 'COPPER (II) ION'
3 water water
#
_entity_poly.entity_id   1
_entity_poly.type   'polypeptide(L)'
_entity_poly.pdbx_seq_one_letter_code
;MELIKNYFFDEGAYDYHDGAYKHLIRPKTKMHKLIIPKVLKADKIEGNTTYYTIHAQEGETNILDGKATHTWGYNGSLLG
PLIRYQSGRHYHLTLVNDLPEVTTWHWHGLNIPGPIEDGGPHAPVLPGKSREIKFDVNQPTMTAWLHPHPCPHTAEQVWK
GLAAPVAVVNPLDDLPQLPHTWGVDDIPLIFQDRTFHDSQWDYQADYDMDGTLGDTALVNGTVNAEFTVTRPCLRLRVLN
GANRRELRLNSDQNIVMTQIASDGGFLPHAIEMTKIMLTNAERAEILLDFSDYKKGDRIVLKADDVPILTLKVGEFTEDN
RRQLPKTLKQIERDFTGSPSHQVIMEGMDDSVRINGKLYDMTRIDDRQEIGKNEIWDVSNTNDSMPGMGMIHPLHMHGTE
FLVLSRNGKKPYPNEFGFKDTVAVNPGEHVKLLVKFNVPGIFMYHCHILEHEDTGMMAQIEAVDPNNPQHWNLKDLCDKN
MPDSNMRM
;
_entity_poly.pdbx_strand_id   B,A
#
loop_
_chem_comp.id
_chem_comp.type
_chem_comp.name
_chem_comp.formula
CU non-polymer 'COPPER (II) ION' 'Cu 2'
#
# COMPACT_ATOMS: atom_id res chain seq x y z
N GLU A 2 17.10 -0.57 -30.15
CA GLU A 2 16.64 -0.95 -28.79
C GLU A 2 16.52 0.27 -27.88
N LEU A 3 17.45 1.25 -28.03
CA LEU A 3 17.38 2.52 -27.32
C LEU A 3 16.94 3.63 -28.27
N ILE A 4 15.99 4.47 -27.80
CA ILE A 4 15.40 5.52 -28.60
C ILE A 4 16.11 6.84 -28.28
N LYS A 5 16.49 7.58 -29.33
CA LYS A 5 17.35 8.74 -29.18
C LYS A 5 16.81 9.91 -29.99
N ASN A 6 15.47 9.99 -30.11
CA ASN A 6 14.85 10.98 -30.96
C ASN A 6 13.40 11.22 -30.53
N TYR A 7 12.92 12.42 -30.86
CA TYR A 7 11.60 12.88 -30.49
C TYR A 7 10.61 12.26 -31.48
N PHE A 8 9.33 12.17 -31.12
CA PHE A 8 8.46 11.21 -31.79
C PHE A 8 7.71 11.84 -32.97
N PHE A 9 7.14 13.03 -32.81
CA PHE A 9 6.19 13.51 -33.79
C PHE A 9 6.92 14.08 -35.01
N ASP A 10 6.16 14.26 -36.11
CA ASP A 10 6.68 14.72 -37.39
C ASP A 10 7.27 16.13 -37.26
N GLU A 11 8.59 16.23 -37.46
CA GLU A 11 9.33 17.45 -37.16
C GLU A 11 8.80 18.61 -37.98
N GLY A 12 8.35 18.35 -39.21
CA GLY A 12 7.91 19.38 -40.13
C GLY A 12 6.78 20.25 -39.57
N ALA A 13 6.06 19.73 -38.57
CA ALA A 13 4.88 20.40 -38.05
C ALA A 13 5.09 20.86 -36.61
N TYR A 14 6.34 20.85 -36.13
CA TYR A 14 6.64 21.30 -34.78
C TYR A 14 6.25 22.77 -34.65
N ASP A 15 6.27 23.27 -33.41
CA ASP A 15 5.75 24.59 -33.07
C ASP A 15 6.68 25.69 -33.60
N TYR A 16 7.99 25.43 -33.57
CA TYR A 16 8.97 26.47 -33.84
C TYR A 16 8.96 26.88 -35.31
N HIS A 17 8.24 26.15 -36.16
CA HIS A 17 8.12 26.50 -37.57
C HIS A 17 7.17 27.68 -37.76
N ASP A 18 6.30 27.95 -36.77
CA ASP A 18 5.29 28.98 -36.95
C ASP A 18 5.96 30.35 -37.03
N GLY A 19 5.29 31.28 -37.71
CA GLY A 19 5.84 32.60 -37.99
C GLY A 19 5.83 33.54 -36.79
N ALA A 20 5.04 33.19 -35.75
CA ALA A 20 5.03 33.94 -34.51
C ALA A 20 5.38 33.02 -33.35
N TYR A 21 6.47 32.25 -33.51
CA TYR A 21 7.04 31.46 -32.44
C TYR A 21 7.84 32.40 -31.54
N LYS A 22 8.20 31.93 -30.35
CA LYS A 22 9.15 32.62 -29.49
C LYS A 22 10.06 31.57 -28.86
N HIS A 23 11.38 31.69 -29.10
CA HIS A 23 12.33 30.79 -28.46
C HIS A 23 12.26 30.98 -26.95
N LEU A 24 12.66 29.95 -26.21
CA LEU A 24 12.82 30.05 -24.77
C LEU A 24 14.12 30.79 -24.47
N ILE A 25 14.06 31.71 -23.50
CA ILE A 25 15.23 32.44 -23.03
C ILE A 25 15.61 31.87 -21.67
N ARG A 26 16.83 31.30 -21.58
CA ARG A 26 17.39 30.94 -20.29
C ARG A 26 17.50 32.20 -19.46
N PRO A 27 16.72 32.33 -18.36
CA PRO A 27 16.71 33.56 -17.59
C PRO A 27 17.96 33.67 -16.72
N LYS A 28 18.41 34.92 -16.52
CA LYS A 28 19.54 35.21 -15.66
C LYS A 28 19.02 35.50 -14.25
N THR A 29 18.53 34.46 -13.59
CA THR A 29 18.16 34.54 -12.18
C THR A 29 18.91 33.43 -11.45
N LYS A 30 18.76 33.43 -10.12
CA LYS A 30 19.40 32.43 -9.29
C LYS A 30 18.65 31.11 -9.45
N MET A 31 19.42 30.02 -9.41
CA MET A 31 18.87 28.69 -9.27
C MET A 31 17.97 28.67 -8.04
N HIS A 32 16.65 28.57 -8.28
CA HIS A 32 15.66 28.45 -7.22
C HIS A 32 15.49 26.98 -6.85
N LYS A 33 15.06 26.73 -5.61
CA LYS A 33 14.78 25.36 -5.17
C LYS A 33 13.42 24.94 -5.73
N LEU A 34 13.31 23.68 -6.18
CA LEU A 34 12.12 23.21 -6.86
C LEU A 34 10.95 23.12 -5.87
N ILE A 35 9.84 23.77 -6.22
CA ILE A 35 8.66 23.79 -5.39
C ILE A 35 7.87 22.51 -5.64
N ILE A 36 7.71 21.71 -4.58
CA ILE A 36 6.84 20.55 -4.59
C ILE A 36 5.45 21.02 -4.15
N PRO A 37 4.37 20.71 -4.90
CA PRO A 37 3.01 21.02 -4.44
C PRO A 37 2.61 20.21 -3.20
N LYS A 38 2.04 20.90 -2.19
CA LYS A 38 1.69 20.27 -0.92
C LYS A 38 0.57 19.26 -1.15
N VAL A 39 0.53 18.19 -0.33
CA VAL A 39 -0.46 17.13 -0.47
C VAL A 39 -1.77 17.63 0.13
N LEU A 40 -2.88 17.43 -0.60
CA LEU A 40 -4.18 17.88 -0.14
C LEU A 40 -4.70 16.88 0.89
N LYS A 41 -4.76 17.33 2.15
CA LYS A 41 -5.36 16.54 3.22
C LYS A 41 -6.87 16.53 3.01
N ALA A 42 -7.50 15.46 3.48
CA ALA A 42 -8.95 15.36 3.48
C ALA A 42 -9.52 16.20 4.63
N ASP A 43 -10.77 16.65 4.45
CA ASP A 43 -11.48 17.42 5.45
C ASP A 43 -12.14 16.48 6.47
N LYS A 44 -12.40 15.24 6.05
CA LYS A 44 -12.92 14.22 6.94
C LYS A 44 -13.11 12.93 6.13
N ILE A 45 -12.96 11.79 6.82
CA ILE A 45 -13.31 10.50 6.24
C ILE A 45 -14.47 9.91 7.04
N GLU A 46 -15.62 9.77 6.36
CA GLU A 46 -16.80 9.11 6.90
C GLU A 46 -17.25 8.00 5.95
N GLY A 47 -16.64 6.82 6.08
CA GLY A 47 -17.04 5.62 5.34
C GLY A 47 -16.11 5.34 4.16
N ASN A 48 -16.73 5.09 2.99
CA ASN A 48 -16.01 4.97 1.73
C ASN A 48 -15.96 6.33 1.05
N THR A 49 -16.43 7.36 1.75
CA THR A 49 -16.46 8.72 1.24
C THR A 49 -15.34 9.54 1.87
N THR A 50 -14.60 10.28 1.03
CA THR A 50 -13.54 11.17 1.48
C THR A 50 -13.90 12.59 1.06
N TYR A 51 -13.84 13.52 2.01
CA TYR A 51 -14.29 14.88 1.80
C TYR A 51 -13.11 15.77 1.43
N TYR A 52 -13.32 16.63 0.43
CA TYR A 52 -12.28 17.51 -0.08
C TYR A 52 -12.86 18.92 -0.28
N THR A 53 -12.10 19.93 0.14
CA THR A 53 -12.43 21.33 -0.12
C THR A 53 -11.31 21.92 -0.98
N ILE A 54 -11.67 22.76 -1.96
CA ILE A 54 -10.67 23.38 -2.82
C ILE A 54 -11.11 24.80 -3.17
N HIS A 55 -10.35 25.77 -2.66
CA HIS A 55 -10.53 27.18 -2.97
C HIS A 55 -9.65 27.54 -4.16
N ALA A 56 -10.26 28.14 -5.20
CA ALA A 56 -9.52 28.82 -6.24
C ALA A 56 -9.48 30.30 -5.90
N GLN A 57 -8.26 30.82 -5.71
CA GLN A 57 -8.06 32.10 -5.03
C GLN A 57 -6.87 32.84 -5.63
N GLU A 58 -6.83 34.16 -5.37
CA GLU A 58 -5.71 34.99 -5.75
C GLU A 58 -4.60 34.86 -4.70
N GLY A 59 -3.48 35.52 -4.99
CA GLY A 59 -2.32 35.50 -4.12
C GLY A 59 -1.12 36.10 -4.85
N GLU A 60 -0.01 36.24 -4.12
CA GLU A 60 1.21 36.77 -4.70
C GLU A 60 2.35 35.81 -4.39
N THR A 61 3.10 35.46 -5.43
CA THR A 61 4.14 34.43 -5.36
C THR A 61 5.47 35.03 -5.79
N ASN A 62 6.52 34.77 -5.00
CA ASN A 62 7.86 35.14 -5.39
C ASN A 62 8.41 34.07 -6.32
N ILE A 63 8.45 34.39 -7.61
CA ILE A 63 8.90 33.47 -8.64
C ILE A 63 10.29 33.91 -9.10
N LEU A 64 10.36 35.18 -9.54
CA LEU A 64 11.61 35.88 -9.68
C LEU A 64 12.03 36.37 -8.30
N ASP A 65 13.25 36.86 -8.21
CA ASP A 65 13.88 37.20 -6.95
C ASP A 65 13.66 38.68 -6.62
N GLY A 66 12.83 39.36 -7.43
CA GLY A 66 12.51 40.77 -7.25
C GLY A 66 11.16 40.96 -6.56
N LYS A 67 10.16 41.44 -7.32
CA LYS A 67 8.82 41.60 -6.80
C LYS A 67 8.16 40.25 -6.61
N ALA A 68 7.00 40.25 -5.95
CA ALA A 68 6.04 39.17 -6.04
C ALA A 68 5.33 39.25 -7.39
N THR A 69 4.71 38.13 -7.78
CA THR A 69 3.94 38.04 -9.01
C THR A 69 2.49 37.72 -8.64
N HIS A 70 1.55 38.54 -9.12
CA HIS A 70 0.14 38.31 -8.86
C HIS A 70 -0.28 37.05 -9.62
N THR A 71 -0.70 36.03 -8.86
CA THR A 71 -1.00 34.72 -9.41
C THR A 71 -2.37 34.26 -8.91
N TRP A 72 -2.99 33.36 -9.68
CA TRP A 72 -4.18 32.68 -9.24
C TRP A 72 -3.74 31.27 -8.90
N GLY A 73 -4.44 30.56 -8.03
CA GLY A 73 -3.97 29.24 -7.66
C GLY A 73 -4.97 28.51 -6.79
N TYR A 74 -4.81 27.18 -6.69
CA TYR A 74 -5.68 26.35 -5.88
C TYR A 74 -5.09 26.23 -4.47
N ASN A 75 -5.93 26.44 -3.46
CA ASN A 75 -5.52 26.38 -2.06
C ASN A 75 -4.14 26.99 -1.88
N GLY A 76 -3.83 28.05 -2.64
CA GLY A 76 -2.53 28.68 -2.58
C GLY A 76 -2.49 29.94 -3.44
N SER A 77 -1.29 30.48 -3.64
CA SER A 77 -1.09 31.68 -4.43
C SER A 77 -1.01 31.33 -5.91
N LEU A 78 -0.28 30.26 -6.25
CA LEU A 78 -0.20 29.80 -7.62
C LEU A 78 -0.24 28.27 -7.65
N LEU A 79 -0.62 27.71 -8.81
CA LEU A 79 -0.72 26.27 -9.03
C LEU A 79 -1.65 25.59 -8.02
N GLY A 80 -1.27 24.45 -7.44
CA GLY A 80 -2.20 23.71 -6.62
C GLY A 80 -1.57 22.49 -5.98
N PRO A 81 -2.27 21.84 -5.03
CA PRO A 81 -1.72 20.71 -4.29
C PRO A 81 -1.88 19.40 -5.05
N LEU A 82 -1.14 18.37 -4.64
CA LEU A 82 -1.32 17.03 -5.19
C LEU A 82 -2.63 16.47 -4.64
N ILE A 83 -3.61 16.31 -5.53
CA ILE A 83 -4.91 15.81 -5.14
C ILE A 83 -4.93 14.31 -5.39
N ARG A 84 -4.91 13.52 -4.31
CA ARG A 84 -4.90 12.08 -4.44
C ARG A 84 -6.34 11.58 -4.44
N TYR A 85 -6.64 10.64 -5.34
CA TYR A 85 -7.86 9.86 -5.30
C TYR A 85 -7.49 8.40 -5.07
N GLN A 86 -8.50 7.54 -4.98
CA GLN A 86 -8.25 6.10 -4.90
C GLN A 86 -9.40 5.35 -5.57
N SER A 87 -9.08 4.61 -6.63
CA SER A 87 -10.06 3.82 -7.36
C SER A 87 -10.87 2.97 -6.38
N GLY A 88 -12.20 2.98 -6.57
CA GLY A 88 -13.13 2.24 -5.73
C GLY A 88 -13.49 3.02 -4.46
N ARG A 89 -13.47 4.36 -4.56
CA ARG A 89 -13.90 5.22 -3.46
C ARG A 89 -14.89 6.25 -3.98
N HIS A 90 -15.57 6.90 -3.03
CA HIS A 90 -16.49 7.98 -3.32
C HIS A 90 -15.86 9.26 -2.77
N TYR A 91 -16.18 10.40 -3.38
CA TYR A 91 -15.52 11.66 -3.04
C TYR A 91 -16.54 12.81 -3.09
N HIS A 92 -16.64 13.55 -1.97
CA HIS A 92 -17.43 14.78 -1.91
C HIS A 92 -16.49 15.98 -1.91
N LEU A 93 -16.66 16.86 -2.90
CA LEU A 93 -15.79 18.01 -3.10
C LEU A 93 -16.59 19.30 -2.94
N THR A 94 -16.02 20.25 -2.18
CA THR A 94 -16.57 21.57 -2.02
C THR A 94 -15.70 22.56 -2.79
N LEU A 95 -16.21 23.03 -3.93
CA LEU A 95 -15.43 23.85 -4.86
C LEU A 95 -15.73 25.32 -4.57
N VAL A 96 -14.85 25.95 -3.80
CA VAL A 96 -15.05 27.34 -3.41
C VAL A 96 -14.43 28.21 -4.50
N ASN A 97 -15.17 29.25 -4.91
CA ASN A 97 -14.63 30.26 -5.80
C ASN A 97 -14.34 31.54 -5.00
N ASP A 98 -13.04 31.90 -4.96
CA ASP A 98 -12.58 33.12 -4.33
C ASP A 98 -11.80 33.95 -5.35
N LEU A 99 -12.13 33.77 -6.63
CA LEU A 99 -11.59 34.59 -7.70
C LEU A 99 -12.58 35.71 -7.99
N PRO A 100 -12.21 36.74 -8.80
CA PRO A 100 -13.16 37.76 -9.23
C PRO A 100 -13.84 37.48 -10.58
N GLU A 101 -13.70 36.24 -11.09
CA GLU A 101 -14.46 35.81 -12.26
C GLU A 101 -14.79 34.32 -12.14
N VAL A 102 -15.75 33.88 -12.95
CA VAL A 102 -16.26 32.52 -12.92
C VAL A 102 -15.16 31.51 -13.31
N THR A 103 -15.16 30.34 -12.67
CA THR A 103 -14.19 29.31 -12.99
C THR A 103 -14.88 27.96 -12.91
N THR A 104 -14.22 26.92 -13.42
CA THR A 104 -14.70 25.55 -13.30
C THR A 104 -13.55 24.70 -12.77
N TRP A 105 -13.85 23.43 -12.50
CA TRP A 105 -12.85 22.48 -12.03
C TRP A 105 -12.87 21.26 -12.94
N HIS A 106 -12.12 21.32 -14.04
CA HIS A 106 -12.07 20.20 -14.97
C HIS A 106 -10.98 19.22 -14.55
N TRP A 107 -11.40 17.98 -14.28
CA TRP A 107 -10.52 16.93 -13.78
C TRP A 107 -9.99 16.13 -14.96
N HIS A 108 -8.91 16.66 -15.53
CA HIS A 108 -8.35 16.15 -16.77
C HIS A 108 -7.67 14.81 -16.47
N GLY A 109 -8.42 13.73 -16.72
CA GLY A 109 -7.92 12.38 -16.51
C GLY A 109 -9.00 11.51 -15.89
N LEU A 110 -9.75 12.08 -14.93
CA LEU A 110 -10.77 11.38 -14.18
C LEU A 110 -11.97 11.05 -15.08
N ASN A 111 -12.55 9.86 -14.86
CA ASN A 111 -13.64 9.37 -15.68
C ASN A 111 -14.91 9.42 -14.84
N ILE A 112 -15.44 10.63 -14.69
CA ILE A 112 -16.54 10.90 -13.79
C ILE A 112 -17.68 11.53 -14.58
N PRO A 113 -18.94 11.43 -14.11
CA PRO A 113 -20.09 11.92 -14.86
C PRO A 113 -19.93 13.35 -15.40
N GLY A 114 -20.43 13.55 -16.63
CA GLY A 114 -20.44 14.87 -17.24
C GLY A 114 -21.86 15.42 -17.29
N PRO A 115 -22.06 16.74 -17.52
CA PRO A 115 -20.96 17.72 -17.54
C PRO A 115 -20.66 18.52 -16.26
N ILE A 116 -21.26 18.12 -15.13
CA ILE A 116 -21.20 18.87 -13.88
C ILE A 116 -19.94 18.49 -13.10
N GLU A 117 -19.75 17.19 -12.88
CA GLU A 117 -18.61 16.69 -12.12
C GLU A 117 -17.33 16.88 -12.94
N ASP A 118 -17.47 16.60 -14.24
CA ASP A 118 -16.44 16.78 -15.25
C ASP A 118 -15.72 18.12 -15.08
N GLY A 119 -16.48 19.16 -14.72
CA GLY A 119 -15.95 20.51 -14.60
C GLY A 119 -15.76 21.16 -15.97
N GLY A 120 -16.42 20.60 -17.00
CA GLY A 120 -16.41 21.19 -18.33
C GLY A 120 -17.11 22.55 -18.32
N PRO A 121 -17.37 23.16 -19.49
CA PRO A 121 -17.95 24.51 -19.54
C PRO A 121 -19.41 24.61 -19.10
N HIS A 122 -19.87 23.59 -18.36
CA HIS A 122 -21.24 23.52 -17.89
C HIS A 122 -21.30 23.62 -16.37
N ALA A 123 -20.14 23.65 -15.71
CA ALA A 123 -20.07 23.61 -14.26
C ALA A 123 -19.48 24.91 -13.72
N PRO A 124 -20.06 26.08 -14.07
CA PRO A 124 -19.54 27.36 -13.59
C PRO A 124 -19.80 27.60 -12.10
N VAL A 125 -18.84 28.26 -11.46
CA VAL A 125 -18.95 28.69 -10.08
C VAL A 125 -18.76 30.20 -10.08
N LEU A 126 -19.84 30.93 -9.85
CA LEU A 126 -19.79 32.39 -9.78
C LEU A 126 -18.88 32.80 -8.63
N PRO A 127 -18.13 33.92 -8.76
CA PRO A 127 -17.29 34.42 -7.67
C PRO A 127 -18.03 34.45 -6.33
N GLY A 128 -17.30 34.19 -5.24
CA GLY A 128 -17.91 34.19 -3.92
C GLY A 128 -18.67 32.90 -3.65
N LYS A 129 -19.54 32.49 -4.59
CA LYS A 129 -20.29 31.27 -4.46
C LYS A 129 -19.34 30.06 -4.48
N SER A 130 -19.88 28.89 -4.15
CA SER A 130 -19.16 27.64 -4.17
C SER A 130 -20.07 26.53 -4.69
N ARG A 131 -19.53 25.31 -4.83
CA ARG A 131 -20.27 24.20 -5.40
C ARG A 131 -19.90 22.92 -4.66
N GLU A 132 -20.82 21.95 -4.62
CA GLU A 132 -20.55 20.64 -4.07
C GLU A 132 -20.78 19.60 -5.16
N ILE A 133 -19.95 18.54 -5.16
CA ILE A 133 -20.09 17.46 -6.13
C ILE A 133 -19.75 16.12 -5.47
N LYS A 134 -20.34 15.06 -6.01
CA LYS A 134 -20.09 13.69 -5.59
C LYS A 134 -19.74 12.85 -6.82
N PHE A 135 -18.80 11.91 -6.66
CA PHE A 135 -18.50 10.94 -7.70
C PHE A 135 -17.69 9.79 -7.13
N ASP A 136 -17.96 8.57 -7.64
CA ASP A 136 -17.09 7.44 -7.43
C ASP A 136 -15.86 7.60 -8.35
N VAL A 137 -14.84 6.77 -8.11
CA VAL A 137 -13.68 6.68 -8.99
C VAL A 137 -13.44 5.22 -9.31
N ASN A 138 -13.31 4.91 -10.61
CA ASN A 138 -13.02 3.56 -11.07
C ASN A 138 -12.18 3.65 -12.34
N GLN A 139 -10.86 3.71 -12.18
CA GLN A 139 -9.96 3.71 -13.32
C GLN A 139 -8.57 3.28 -12.89
N PRO A 140 -7.61 3.12 -13.82
CA PRO A 140 -6.26 2.64 -13.47
C PRO A 140 -5.39 3.67 -12.75
N THR A 141 -4.25 3.17 -12.24
CA THR A 141 -3.27 3.98 -11.54
C THR A 141 -2.57 4.85 -12.57
N MET A 142 -2.61 6.16 -12.34
CA MET A 142 -2.20 7.12 -13.35
C MET A 142 -2.02 8.50 -12.75
N THR A 143 -1.48 9.41 -13.56
CA THR A 143 -1.37 10.82 -13.22
C THR A 143 -2.35 11.62 -14.06
N ALA A 144 -3.22 12.37 -13.38
CA ALA A 144 -4.15 13.28 -14.01
C ALA A 144 -3.75 14.71 -13.64
N TRP A 145 -4.63 15.68 -13.97
CA TRP A 145 -4.50 17.03 -13.44
C TRP A 145 -5.82 17.79 -13.49
N LEU A 146 -5.84 18.91 -12.77
CA LEU A 146 -6.99 19.78 -12.66
C LEU A 146 -6.66 21.13 -13.28
N HIS A 147 -7.44 21.54 -14.27
CA HIS A 147 -7.34 22.89 -14.78
C HIS A 147 -8.75 23.46 -14.94
N PRO A 148 -8.91 24.79 -14.91
CA PRO A 148 -10.19 25.42 -15.19
C PRO A 148 -10.53 25.10 -16.63
N HIS A 149 -11.83 25.04 -16.91
CA HIS A 149 -12.27 24.85 -18.28
C HIS A 149 -13.55 25.64 -18.52
N PRO A 150 -13.56 26.97 -18.33
CA PRO A 150 -14.75 27.77 -18.60
C PRO A 150 -14.83 28.00 -20.10
N CYS A 151 -15.80 28.81 -20.52
CA CYS A 151 -15.91 29.19 -21.92
C CYS A 151 -16.25 30.66 -22.01
N PRO A 152 -15.45 31.51 -22.70
CA PRO A 152 -14.22 31.10 -23.37
C PRO A 152 -12.94 31.70 -22.78
N HIS A 153 -12.67 31.40 -21.50
CA HIS A 153 -11.52 32.00 -20.83
C HIS A 153 -10.58 30.95 -20.24
N THR A 154 -10.70 29.70 -20.68
CA THR A 154 -9.84 28.63 -20.21
C THR A 154 -8.39 29.08 -20.28
N ALA A 155 -8.00 29.58 -21.45
CA ALA A 155 -6.63 29.95 -21.70
C ALA A 155 -6.17 30.96 -20.65
N GLU A 156 -6.86 32.10 -20.57
CA GLU A 156 -6.47 33.16 -19.64
C GLU A 156 -6.26 32.59 -18.24
N GLN A 157 -7.18 31.75 -17.77
CA GLN A 157 -7.14 31.30 -16.40
C GLN A 157 -5.88 30.45 -16.16
N VAL A 158 -5.68 29.43 -17.01
CA VAL A 158 -4.54 28.55 -16.83
C VAL A 158 -3.27 29.41 -16.77
N TRP A 159 -3.23 30.43 -17.64
CA TRP A 159 -2.12 31.36 -17.71
C TRP A 159 -1.92 32.06 -16.38
N LYS A 160 -3.03 32.52 -15.78
CA LYS A 160 -2.98 33.25 -14.54
C LYS A 160 -2.25 32.43 -13.48
N GLY A 161 -2.44 31.10 -13.52
CA GLY A 161 -1.70 30.21 -12.62
C GLY A 161 -2.52 29.04 -12.08
N LEU A 162 -3.62 28.69 -12.77
CA LEU A 162 -4.52 27.67 -12.26
C LEU A 162 -4.19 26.34 -12.93
N ALA A 163 -3.60 25.45 -12.13
CA ALA A 163 -3.28 24.09 -12.54
C ALA A 163 -2.96 23.34 -11.25
N ALA A 164 -3.08 22.01 -11.26
CA ALA A 164 -2.80 21.20 -10.09
C ALA A 164 -2.64 19.75 -10.51
N PRO A 165 -1.61 19.04 -10.01
CA PRO A 165 -1.44 17.62 -10.31
C PRO A 165 -2.43 16.74 -9.53
N VAL A 166 -2.80 15.61 -10.14
CA VAL A 166 -3.73 14.67 -9.55
C VAL A 166 -3.11 13.27 -9.64
N ALA A 167 -3.25 12.47 -8.57
CA ALA A 167 -2.74 11.12 -8.55
C ALA A 167 -3.85 10.14 -8.17
N VAL A 168 -4.14 9.20 -9.08
CA VAL A 168 -5.26 8.28 -8.93
C VAL A 168 -4.72 6.88 -8.77
N VAL A 169 -4.67 6.38 -7.53
CA VAL A 169 -4.05 5.09 -7.26
C VAL A 169 -5.13 4.02 -7.16
N ASN A 170 -5.16 3.15 -8.18
CA ASN A 170 -5.95 1.94 -8.13
C ASN A 170 -5.07 0.83 -7.57
N PRO A 171 -5.38 0.26 -6.38
CA PRO A 171 -4.57 -0.81 -5.81
C PRO A 171 -4.40 -2.02 -6.74
N LEU A 172 -5.30 -2.16 -7.72
CA LEU A 172 -5.35 -3.35 -8.55
C LEU A 172 -4.26 -3.35 -9.63
N ASP A 173 -3.78 -2.18 -10.09
CA ASP A 173 -2.77 -2.13 -11.14
C ASP A 173 -1.51 -1.37 -10.69
N ASP A 174 -1.55 -0.81 -9.48
CA ASP A 174 -0.44 0.00 -8.98
C ASP A 174 0.77 -0.90 -8.78
N LEU A 175 1.95 -0.31 -8.92
CA LEU A 175 3.21 -0.94 -8.54
C LEU A 175 3.82 -0.15 -7.37
N PRO A 176 3.74 -0.66 -6.12
CA PRO A 176 4.35 0.00 -4.96
C PRO A 176 5.84 -0.32 -4.77
N GLN A 177 6.42 -1.06 -5.73
CA GLN A 177 7.87 -1.12 -5.91
C GLN A 177 8.40 0.27 -6.26
N LEU A 178 7.64 0.96 -7.13
CA LEU A 178 8.04 2.23 -7.69
C LEU A 178 8.20 3.25 -6.57
N PRO A 179 9.16 4.19 -6.70
CA PRO A 179 9.28 5.30 -5.77
C PRO A 179 7.92 5.94 -5.58
N HIS A 180 7.43 5.98 -4.33
CA HIS A 180 6.14 6.58 -4.04
C HIS A 180 6.26 7.69 -2.99
N THR A 181 7.49 8.04 -2.60
CA THR A 181 7.72 9.05 -1.58
C THR A 181 7.67 10.44 -2.22
N TRP A 182 6.46 11.00 -2.29
CA TRP A 182 6.21 12.27 -2.95
C TRP A 182 7.10 13.36 -2.37
N GLY A 183 7.84 14.05 -3.25
CA GLY A 183 8.74 15.13 -2.84
C GLY A 183 10.20 14.69 -2.75
N VAL A 184 10.45 13.39 -2.52
CA VAL A 184 11.80 12.87 -2.32
C VAL A 184 12.23 12.12 -3.58
N ASP A 185 11.66 10.93 -3.81
CA ASP A 185 12.05 10.09 -4.92
C ASP A 185 10.97 10.13 -5.99
N ASP A 186 10.01 11.04 -5.83
CA ASP A 186 8.78 11.00 -6.59
C ASP A 186 8.21 12.41 -6.68
N ILE A 187 8.38 13.05 -7.83
CA ILE A 187 8.13 14.48 -7.95
C ILE A 187 7.40 14.78 -9.26
N PRO A 188 6.60 15.87 -9.31
CA PRO A 188 6.02 16.34 -10.56
C PRO A 188 7.02 17.21 -11.30
N LEU A 189 6.75 17.40 -12.61
CA LEU A 189 7.54 18.26 -13.47
C LEU A 189 6.56 18.99 -14.38
N ILE A 190 5.86 19.98 -13.82
CA ILE A 190 4.74 20.63 -14.49
C ILE A 190 5.27 21.82 -15.28
N PHE A 191 5.53 21.57 -16.56
CA PHE A 191 6.20 22.50 -17.44
C PHE A 191 5.20 23.54 -17.95
N GLN A 192 5.61 24.81 -17.88
CA GLN A 192 4.78 25.93 -18.33
C GLN A 192 5.68 26.98 -18.95
N ASP A 193 5.12 27.87 -19.79
CA ASP A 193 5.87 28.91 -20.48
C ASP A 193 5.18 30.24 -20.20
N ARG A 194 5.94 31.23 -19.72
CA ARG A 194 5.37 32.50 -19.29
C ARG A 194 6.31 33.65 -19.64
N THR A 195 5.73 34.84 -19.84
CA THR A 195 6.50 36.06 -20.07
C THR A 195 6.24 37.00 -18.89
N PHE A 196 7.31 37.69 -18.44
CA PHE A 196 7.25 38.57 -17.29
C PHE A 196 7.35 40.03 -17.74
N HIS A 197 6.37 40.85 -17.29
CA HIS A 197 6.37 42.29 -17.49
C HIS A 197 6.45 42.96 -16.12
N ASP A 198 7.65 43.40 -15.74
CA ASP A 198 7.93 43.80 -14.36
C ASP A 198 7.39 42.72 -13.42
N SER A 199 7.96 41.52 -13.54
CA SER A 199 7.67 40.40 -12.65
C SER A 199 6.17 40.08 -12.62
N GLN A 200 5.47 40.33 -13.73
CA GLN A 200 4.02 40.16 -13.77
C GLN A 200 3.60 39.47 -15.06
N TRP A 201 2.55 38.66 -14.98
CA TRP A 201 2.05 37.92 -16.13
C TRP A 201 0.87 38.65 -16.75
N ASP A 202 1.02 39.03 -18.03
CA ASP A 202 -0.03 39.73 -18.74
C ASP A 202 -0.44 38.87 -19.94
N TYR A 203 -1.58 38.21 -19.82
CA TYR A 203 -2.02 37.27 -20.84
C TYR A 203 -2.41 38.03 -22.11
N GLN A 204 -3.12 39.16 -21.93
CA GLN A 204 -3.61 39.97 -23.04
C GLN A 204 -2.47 40.46 -23.92
N ALA A 205 -1.31 40.75 -23.32
CA ALA A 205 -0.15 41.26 -24.05
C ALA A 205 0.46 40.16 -24.91
N ASP A 206 0.57 38.96 -24.33
CA ASP A 206 1.29 37.85 -24.96
C ASP A 206 0.34 37.01 -25.81
N TYR A 207 -0.95 37.35 -25.82
CA TYR A 207 -1.94 36.53 -26.49
C TYR A 207 -1.64 36.38 -27.97
N ASP A 208 -1.84 35.16 -28.47
CA ASP A 208 -1.81 34.87 -29.88
C ASP A 208 -2.85 33.78 -30.12
N MET A 209 -3.74 33.95 -31.09
CA MET A 209 -4.87 33.03 -31.25
C MET A 209 -4.43 31.67 -31.79
N ASP A 210 -3.15 31.53 -32.21
CA ASP A 210 -2.64 30.25 -32.67
C ASP A 210 -1.88 29.57 -31.53
N GLY A 211 -2.05 30.11 -30.31
CA GLY A 211 -1.32 29.58 -29.17
C GLY A 211 -0.39 30.63 -28.56
N THR A 212 -0.60 30.90 -27.26
CA THR A 212 0.12 31.93 -26.51
C THR A 212 1.42 31.35 -25.96
N LEU A 213 2.54 31.92 -26.40
CA LEU A 213 3.84 31.43 -25.97
C LEU A 213 4.45 32.41 -24.97
N GLY A 214 5.31 31.89 -24.09
CA GLY A 214 6.04 32.69 -23.13
C GLY A 214 7.53 32.40 -23.20
N ASP A 215 8.35 33.43 -22.98
CA ASP A 215 9.78 33.36 -23.26
C ASP A 215 10.52 32.59 -22.17
N THR A 216 9.88 32.40 -21.01
CA THR A 216 10.54 31.76 -19.88
C THR A 216 9.79 30.48 -19.55
N ALA A 217 10.56 29.43 -19.20
CA ALA A 217 9.99 28.15 -18.82
C ALA A 217 9.84 28.09 -17.31
N LEU A 218 8.70 27.56 -16.86
CA LEU A 218 8.44 27.31 -15.45
C LEU A 218 8.36 25.80 -15.23
N VAL A 219 8.61 25.40 -13.98
CA VAL A 219 8.53 24.02 -13.57
C VAL A 219 7.98 23.99 -12.15
N ASN A 220 6.70 23.66 -12.02
CA ASN A 220 6.07 23.71 -10.72
C ASN A 220 6.19 25.15 -10.21
N GLY A 221 5.91 26.11 -11.09
CA GLY A 221 5.93 27.52 -10.76
C GLY A 221 7.31 27.99 -10.32
N THR A 222 8.36 27.28 -10.72
CA THR A 222 9.72 27.61 -10.32
C THR A 222 10.50 27.96 -11.58
N VAL A 223 11.54 28.78 -11.43
CA VAL A 223 12.40 29.12 -12.54
C VAL A 223 13.84 28.79 -12.16
N ASN A 224 14.58 28.20 -13.11
CA ASN A 224 15.92 27.69 -12.87
C ASN A 224 15.88 26.68 -11.73
N ALA A 225 14.81 25.87 -11.69
CA ALA A 225 14.59 24.94 -10.60
C ALA A 225 15.76 23.98 -10.46
N GLU A 226 16.18 23.73 -9.22
CA GLU A 226 17.12 22.69 -8.90
C GLU A 226 16.47 21.73 -7.91
N PHE A 227 16.83 20.45 -8.00
CA PHE A 227 16.31 19.44 -7.09
C PHE A 227 17.43 18.50 -6.67
N THR A 228 17.58 18.34 -5.35
CA THR A 228 18.58 17.43 -4.80
C THR A 228 18.01 16.02 -4.76
N VAL A 229 18.65 15.12 -5.49
CA VAL A 229 18.27 13.71 -5.49
C VAL A 229 18.88 13.08 -4.25
N THR A 230 18.01 12.62 -3.34
CA THR A 230 18.44 11.98 -2.12
C THR A 230 18.41 10.46 -2.28
N ARG A 231 18.14 9.96 -3.50
CA ARG A 231 17.88 8.54 -3.67
C ARG A 231 18.12 8.05 -5.11
N PRO A 232 18.68 6.83 -5.29
CA PRO A 232 19.17 6.36 -6.58
C PRO A 232 18.14 6.44 -7.70
N CYS A 233 16.95 5.90 -7.44
CA CYS A 233 15.88 5.99 -8.42
C CYS A 233 15.11 7.30 -8.19
N LEU A 234 14.52 7.81 -9.27
CA LEU A 234 13.77 9.04 -9.23
C LEU A 234 12.66 8.95 -10.27
N ARG A 235 11.42 9.13 -9.80
CA ARG A 235 10.23 9.04 -10.64
C ARG A 235 9.69 10.43 -10.92
N LEU A 236 9.85 10.89 -12.16
CA LEU A 236 9.32 12.18 -12.58
C LEU A 236 7.97 11.97 -13.25
N ARG A 237 6.98 12.78 -12.84
CA ARG A 237 5.67 12.79 -13.43
C ARG A 237 5.50 14.03 -14.31
N VAL A 238 5.96 13.94 -15.55
CA VAL A 238 6.07 15.09 -16.43
C VAL A 238 4.67 15.48 -16.91
N LEU A 239 4.50 16.79 -17.14
CA LEU A 239 3.23 17.32 -17.62
C LEU A 239 3.49 18.64 -18.34
N ASN A 240 3.05 18.70 -19.60
CA ASN A 240 3.05 19.94 -20.36
C ASN A 240 1.74 20.68 -20.08
N GLY A 241 1.83 21.77 -19.30
CA GLY A 241 0.69 22.61 -18.99
C GLY A 241 0.83 24.02 -19.59
N ALA A 242 1.58 24.12 -20.67
CA ALA A 242 1.63 25.33 -21.47
C ALA A 242 0.31 25.50 -22.21
N ASN A 243 0.16 26.67 -22.83
CA ASN A 243 -1.02 26.94 -23.63
C ASN A 243 -0.82 26.34 -25.03
N ARG A 244 0.41 26.40 -25.56
CA ARG A 244 0.70 25.86 -26.89
C ARG A 244 2.04 25.12 -26.93
N ARG A 245 3.05 25.63 -26.22
CA ARG A 245 4.41 25.19 -26.42
C ARG A 245 4.52 23.67 -26.29
N GLU A 246 5.20 23.06 -27.26
CA GLU A 246 5.52 21.65 -27.20
C GLU A 246 6.72 21.47 -26.28
N LEU A 247 6.66 20.46 -25.41
CA LEU A 247 7.72 20.18 -24.45
C LEU A 247 8.66 19.14 -25.04
N ARG A 248 9.87 19.58 -25.36
CA ARG A 248 10.88 18.73 -25.97
C ARG A 248 11.97 18.46 -24.92
N LEU A 249 11.78 17.38 -24.16
CA LEU A 249 12.55 17.15 -22.95
C LEU A 249 13.77 16.28 -23.26
N ASN A 250 14.96 16.86 -23.05
CA ASN A 250 16.23 16.21 -23.26
C ASN A 250 17.09 16.37 -22.01
N SER A 251 18.29 15.79 -22.04
CA SER A 251 19.24 15.93 -20.94
C SER A 251 20.63 16.24 -21.49
N ASP A 252 21.42 16.98 -20.71
CA ASP A 252 22.73 17.45 -21.16
C ASP A 252 23.76 16.33 -21.09
N GLN A 253 23.39 15.19 -20.49
CA GLN A 253 24.21 13.98 -20.53
C GLN A 253 23.40 12.78 -21.02
N ASN A 254 22.29 13.04 -21.72
CA ASN A 254 21.55 11.99 -22.41
C ASN A 254 21.36 10.79 -21.50
N ILE A 255 20.96 11.05 -20.25
CA ILE A 255 20.63 10.00 -19.31
C ILE A 255 19.43 9.25 -19.87
N VAL A 256 19.37 7.94 -19.61
CA VAL A 256 18.29 7.11 -20.12
C VAL A 256 17.05 7.34 -19.26
N MET A 257 15.96 7.70 -19.95
CA MET A 257 14.65 7.82 -19.35
C MET A 257 13.88 6.53 -19.61
N THR A 258 13.54 5.81 -18.54
CA THR A 258 12.62 4.69 -18.65
C THR A 258 11.21 5.22 -18.43
N GLN A 259 10.41 5.27 -19.50
CA GLN A 259 9.02 5.70 -19.37
C GLN A 259 8.17 4.51 -18.95
N ILE A 260 7.55 4.60 -17.77
CA ILE A 260 6.77 3.53 -17.19
C ILE A 260 5.28 3.75 -17.46
N ALA A 261 4.90 5.02 -17.66
CA ALA A 261 3.49 5.33 -17.83
C ALA A 261 3.31 6.48 -18.81
N SER A 262 2.11 6.52 -19.40
CA SER A 262 1.61 7.64 -20.17
C SER A 262 0.44 8.26 -19.40
N ASP A 263 -0.36 9.09 -20.09
CA ASP A 263 -1.50 9.77 -19.49
C ASP A 263 -2.33 8.79 -18.66
N GLY A 264 -2.94 7.82 -19.34
CA GLY A 264 -4.03 7.02 -18.78
C GLY A 264 -3.53 5.72 -18.15
N GLY A 265 -2.36 5.76 -17.52
CA GLY A 265 -1.86 4.63 -16.77
C GLY A 265 -0.61 4.05 -17.43
N PHE A 266 -0.12 2.96 -16.84
CA PHE A 266 1.18 2.40 -17.20
C PHE A 266 1.13 1.91 -18.64
N LEU A 267 2.32 1.71 -19.20
CA LEU A 267 2.47 1.09 -20.51
C LEU A 267 2.51 -0.41 -20.31
N PRO A 268 2.12 -1.22 -21.32
CA PRO A 268 2.39 -2.66 -21.28
C PRO A 268 3.82 -2.98 -20.83
N HIS A 269 4.81 -2.42 -21.54
CA HIS A 269 6.22 -2.58 -21.20
C HIS A 269 6.86 -1.21 -21.10
N ALA A 270 8.01 -1.15 -20.39
CA ALA A 270 8.76 0.09 -20.23
C ALA A 270 9.53 0.40 -21.52
N ILE A 271 9.86 1.69 -21.72
CA ILE A 271 10.46 2.19 -22.95
C ILE A 271 11.63 3.12 -22.64
N GLU A 272 12.85 2.67 -22.94
CA GLU A 272 14.04 3.46 -22.65
C GLU A 272 14.25 4.47 -23.77
N MET A 273 14.67 5.69 -23.40
CA MET A 273 14.83 6.77 -24.36
C MET A 273 15.60 7.94 -23.73
N THR A 274 16.33 8.70 -24.58
CA THR A 274 17.19 9.78 -24.12
C THR A 274 16.49 11.13 -24.29
N LYS A 275 15.32 11.11 -24.95
CA LYS A 275 14.57 12.30 -25.30
C LYS A 275 13.09 11.94 -25.44
N ILE A 276 12.23 12.94 -25.37
CA ILE A 276 10.79 12.72 -25.39
C ILE A 276 10.10 14.04 -25.72
N MET A 277 9.06 13.94 -26.56
CA MET A 277 8.24 15.10 -26.87
C MET A 277 6.85 14.86 -26.31
N LEU A 278 6.28 15.91 -25.73
CA LEU A 278 4.92 15.89 -25.21
C LEU A 278 4.19 17.13 -25.70
N THR A 279 2.97 16.93 -26.22
CA THR A 279 2.09 18.03 -26.56
C THR A 279 1.37 18.49 -25.29
N ASN A 280 0.49 19.49 -25.43
CA ASN A 280 -0.22 20.05 -24.28
C ASN A 280 -1.09 18.98 -23.64
N ALA A 281 -0.90 18.80 -22.32
CA ALA A 281 -1.73 17.93 -21.49
C ALA A 281 -1.27 16.47 -21.54
N GLU A 282 -0.28 16.16 -22.37
CA GLU A 282 0.27 14.81 -22.38
C GLU A 282 1.12 14.62 -21.12
N ARG A 283 0.82 13.59 -20.35
CA ARG A 283 1.61 13.25 -19.19
C ARG A 283 2.52 12.09 -19.54
N ALA A 284 3.66 12.02 -18.83
CA ALA A 284 4.56 10.88 -18.91
C ALA A 284 5.23 10.67 -17.56
N GLU A 285 5.10 9.45 -17.02
CA GLU A 285 5.84 9.07 -15.83
C GLU A 285 7.14 8.40 -16.26
N ILE A 286 8.28 8.92 -15.78
CA ILE A 286 9.58 8.41 -16.20
C ILE A 286 10.47 8.15 -14.99
N LEU A 287 11.44 7.25 -15.19
CA LEU A 287 12.39 6.83 -14.16
C LEU A 287 13.81 7.12 -14.64
N LEU A 288 14.58 7.79 -13.78
CA LEU A 288 16.00 8.01 -13.99
C LEU A 288 16.74 7.26 -12.91
N ASP A 289 18.00 6.90 -13.18
CA ASP A 289 18.81 6.18 -12.21
C ASP A 289 20.17 6.86 -12.09
N PHE A 290 20.58 7.13 -10.84
CA PHE A 290 21.77 7.91 -10.56
C PHE A 290 22.81 7.07 -9.81
N SER A 291 22.70 5.73 -9.95
CA SER A 291 23.67 4.82 -9.35
C SER A 291 25.08 5.14 -9.84
N ASP A 292 25.21 5.38 -11.15
CA ASP A 292 26.50 5.61 -11.79
C ASP A 292 26.88 7.10 -11.76
N TYR A 293 26.61 7.78 -10.64
CA TYR A 293 27.00 9.16 -10.45
C TYR A 293 27.50 9.34 -9.02
N LYS A 294 28.60 10.09 -8.89
CA LYS A 294 29.09 10.54 -7.60
C LYS A 294 28.18 11.66 -7.09
N LYS A 295 28.52 12.21 -5.91
CA LYS A 295 27.76 13.27 -5.29
C LYS A 295 28.20 14.62 -5.86
N GLY A 296 27.22 15.51 -6.06
CA GLY A 296 27.47 16.86 -6.52
C GLY A 296 27.31 16.99 -8.03
N ASP A 297 27.24 15.84 -8.73
CA ASP A 297 27.15 15.86 -10.18
C ASP A 297 25.75 16.32 -10.57
N ARG A 298 25.66 17.38 -11.38
CA ARG A 298 24.38 17.87 -11.88
C ARG A 298 23.97 17.07 -13.10
N ILE A 299 22.66 16.81 -13.21
CA ILE A 299 22.03 16.38 -14.45
C ILE A 299 21.00 17.43 -14.83
N VAL A 300 21.28 18.19 -15.90
CA VAL A 300 20.35 19.22 -16.33
C VAL A 300 19.33 18.59 -17.25
N LEU A 301 18.06 18.95 -17.03
CA LEU A 301 16.98 18.66 -17.98
C LEU A 301 16.61 19.96 -18.67
N LYS A 302 16.38 19.87 -19.98
CA LYS A 302 16.20 21.04 -20.82
C LYS A 302 14.92 20.89 -21.65
N ALA A 303 14.18 21.97 -21.80
CA ALA A 303 13.19 22.08 -22.87
C ALA A 303 13.90 22.64 -24.09
N ASP A 304 14.05 21.80 -25.11
CA ASP A 304 14.81 22.18 -26.29
C ASP A 304 16.25 22.46 -25.88
N ASP A 305 16.70 23.70 -26.14
CA ASP A 305 18.07 24.10 -25.86
C ASP A 305 18.19 24.54 -24.40
N VAL A 306 17.06 24.81 -23.74
CA VAL A 306 17.03 25.65 -22.55
C VAL A 306 16.83 24.81 -21.29
N PRO A 307 17.71 24.95 -20.26
CA PRO A 307 17.55 24.25 -18.98
C PRO A 307 16.28 24.64 -18.23
N ILE A 308 15.66 23.65 -17.58
CA ILE A 308 14.40 23.85 -16.88
C ILE A 308 14.44 23.20 -15.49
N LEU A 309 15.32 22.21 -15.31
CA LEU A 309 15.43 21.52 -14.04
C LEU A 309 16.81 20.90 -13.90
N THR A 310 17.49 21.19 -12.77
CA THR A 310 18.83 20.70 -12.50
C THR A 310 18.75 19.69 -11.35
N LEU A 311 19.04 18.43 -11.65
CA LEU A 311 19.00 17.36 -10.66
C LEU A 311 20.39 17.19 -10.04
N LYS A 312 20.57 17.75 -8.83
CA LYS A 312 21.85 17.70 -8.14
C LYS A 312 21.90 16.46 -7.25
N VAL A 313 22.93 15.63 -7.46
CA VAL A 313 23.08 14.39 -6.73
C VAL A 313 23.55 14.68 -5.31
N GLY A 314 22.75 14.28 -4.31
CA GLY A 314 23.12 14.38 -2.91
C GLY A 314 23.44 12.99 -2.33
N GLU A 315 23.75 12.94 -1.03
CA GLU A 315 24.03 11.68 -0.36
C GLU A 315 22.75 10.85 -0.31
N PHE A 316 22.81 9.66 -0.90
CA PHE A 316 21.69 8.72 -0.92
C PHE A 316 21.43 8.18 0.48
N THR A 317 20.16 8.24 0.92
CA THR A 317 19.75 7.83 2.26
C THR A 317 19.37 6.34 2.24
N GLU A 318 18.61 5.94 1.22
CA GLU A 318 18.24 4.55 1.01
C GLU A 318 18.73 4.09 -0.34
N ASP A 319 18.58 2.79 -0.61
CA ASP A 319 18.46 2.29 -1.97
C ASP A 319 16.99 1.99 -2.21
N ASN A 320 16.41 2.67 -3.21
CA ASN A 320 15.00 2.54 -3.51
C ASN A 320 14.81 1.92 -4.90
N ARG A 321 15.78 1.10 -5.31
CA ARG A 321 15.67 0.33 -6.54
C ARG A 321 15.00 -1.01 -6.22
N ARG A 322 13.98 -1.36 -6.99
CA ARG A 322 13.24 -2.59 -6.79
C ARG A 322 12.93 -3.17 -8.17
N GLN A 323 12.90 -4.51 -8.28
CA GLN A 323 12.72 -5.17 -9.57
C GLN A 323 11.34 -4.87 -10.14
N LEU A 324 11.26 -4.56 -11.44
CA LEU A 324 9.98 -4.33 -12.08
C LEU A 324 9.65 -5.51 -12.98
N PRO A 325 8.36 -5.76 -13.22
CA PRO A 325 7.93 -6.84 -14.12
C PRO A 325 7.98 -6.43 -15.58
N LYS A 326 8.41 -7.38 -16.44
CA LYS A 326 8.58 -7.13 -17.86
C LYS A 326 7.30 -6.54 -18.44
N THR A 327 6.16 -7.07 -17.98
CA THR A 327 4.85 -6.56 -18.35
C THR A 327 4.32 -5.73 -17.19
N LEU A 328 4.29 -4.41 -17.39
CA LEU A 328 3.84 -3.48 -16.36
C LEU A 328 2.33 -3.57 -16.20
N LYS A 329 1.62 -3.88 -17.29
CA LYS A 329 0.16 -3.89 -17.24
C LYS A 329 -0.38 -4.71 -18.42
N GLN A 330 -1.41 -5.52 -18.14
CA GLN A 330 -2.08 -6.31 -19.15
C GLN A 330 -3.15 -5.45 -19.84
N ILE A 331 -3.08 -5.41 -21.18
CA ILE A 331 -4.04 -4.67 -21.99
C ILE A 331 -4.36 -5.48 -23.23
N GLU A 332 -5.66 -5.69 -23.47
CA GLU A 332 -6.14 -6.17 -24.75
C GLU A 332 -6.06 -5.04 -25.77
N ARG A 333 -5.38 -5.29 -26.90
CA ARG A 333 -5.28 -4.33 -27.98
C ARG A 333 -5.92 -4.88 -29.26
N ASP A 334 -6.24 -6.17 -29.28
CA ASP A 334 -6.71 -6.82 -30.49
C ASP A 334 -8.14 -6.36 -30.79
N PHE A 335 -8.24 -5.37 -31.69
CA PHE A 335 -9.51 -4.80 -32.10
C PHE A 335 -9.36 -4.26 -33.52
N THR A 336 -10.19 -4.78 -34.43
CA THR A 336 -10.11 -4.46 -35.84
C THR A 336 -11.34 -3.64 -36.23
N GLY A 337 -11.45 -3.28 -37.52
CA GLY A 337 -12.72 -2.93 -38.12
C GLY A 337 -12.84 -1.46 -38.53
N SER A 338 -13.98 -1.12 -39.11
CA SER A 338 -14.26 0.22 -39.61
C SER A 338 -14.49 1.17 -38.45
N PRO A 339 -14.08 2.45 -38.56
CA PRO A 339 -14.39 3.45 -37.53
C PRO A 339 -15.87 3.81 -37.51
N SER A 340 -16.48 3.74 -36.32
CA SER A 340 -17.87 4.12 -36.14
C SER A 340 -17.98 5.59 -35.69
N HIS A 341 -16.84 6.30 -35.63
CA HIS A 341 -16.83 7.72 -35.34
C HIS A 341 -15.66 8.36 -36.06
N GLN A 342 -15.79 9.66 -36.35
CA GLN A 342 -14.84 10.37 -37.19
C GLN A 342 -14.70 11.81 -36.71
N VAL A 343 -13.46 12.24 -36.46
CA VAL A 343 -13.17 13.59 -36.01
C VAL A 343 -12.18 14.21 -36.99
N ILE A 344 -12.58 15.32 -37.61
CA ILE A 344 -11.77 15.98 -38.63
C ILE A 344 -11.40 17.38 -38.14
N MET A 345 -10.21 17.45 -37.54
CA MET A 345 -9.64 18.68 -37.01
C MET A 345 -8.94 19.41 -38.16
N GLU A 346 -9.31 20.67 -38.35
CA GLU A 346 -8.87 21.43 -39.52
C GLU A 346 -8.60 22.88 -39.11
N GLY A 347 -7.74 23.54 -39.88
CA GLY A 347 -7.51 24.97 -39.75
C GLY A 347 -6.47 25.28 -38.68
N MET A 348 -5.87 26.46 -38.78
CA MET A 348 -4.94 26.96 -37.78
C MET A 348 -5.48 28.31 -37.30
N ASP A 349 -4.62 29.16 -36.71
CA ASP A 349 -5.02 30.51 -36.31
C ASP A 349 -6.51 30.60 -35.97
N ASP A 350 -7.30 31.24 -36.85
CA ASP A 350 -8.71 31.46 -36.62
C ASP A 350 -9.58 30.51 -37.45
N SER A 351 -8.95 29.64 -38.24
CA SER A 351 -9.66 28.68 -39.08
C SER A 351 -9.90 27.36 -38.33
N VAL A 352 -9.66 27.35 -37.00
CA VAL A 352 -9.73 26.13 -36.21
C VAL A 352 -11.18 25.67 -36.08
N ARG A 353 -11.47 24.45 -36.55
CA ARG A 353 -12.82 23.92 -36.49
C ARG A 353 -12.80 22.39 -36.47
N ILE A 354 -13.78 21.80 -35.77
CA ILE A 354 -13.96 20.36 -35.70
C ILE A 354 -15.15 19.96 -36.55
N ASN A 355 -14.91 19.09 -37.54
CA ASN A 355 -15.94 18.68 -38.50
C ASN A 355 -16.69 19.91 -38.98
N GLY A 356 -15.93 20.92 -39.43
CA GLY A 356 -16.50 22.09 -40.08
C GLY A 356 -17.16 23.08 -39.13
N LYS A 357 -17.46 22.65 -37.89
CA LYS A 357 -18.28 23.45 -36.99
C LYS A 357 -17.42 24.03 -35.86
N LEU A 358 -17.87 25.15 -35.29
CA LEU A 358 -17.23 25.65 -34.08
C LEU A 358 -17.97 25.03 -32.89
N TYR A 359 -17.75 25.58 -31.69
CA TYR A 359 -18.36 25.03 -30.49
C TYR A 359 -19.71 25.71 -30.26
N ASP A 360 -20.73 24.87 -30.05
CA ASP A 360 -22.03 25.32 -29.59
C ASP A 360 -22.34 24.55 -28.31
N MET A 361 -22.51 25.30 -27.22
CA MET A 361 -22.62 24.73 -25.89
C MET A 361 -23.95 23.97 -25.76
N THR A 362 -24.94 24.29 -26.60
CA THR A 362 -26.27 23.72 -26.50
C THR A 362 -26.42 22.48 -27.39
N ARG A 363 -25.44 22.23 -28.28
CA ARG A 363 -25.58 21.19 -29.28
C ARG A 363 -24.84 19.92 -28.85
N ILE A 364 -25.43 18.77 -29.21
CA ILE A 364 -24.76 17.47 -29.12
C ILE A 364 -24.14 17.16 -30.49
N ASP A 365 -22.84 16.84 -30.51
CA ASP A 365 -22.12 16.68 -31.76
C ASP A 365 -21.85 15.20 -32.07
N ASP A 366 -22.18 14.31 -31.14
CA ASP A 366 -22.05 12.88 -31.35
C ASP A 366 -22.71 12.13 -30.19
N ARG A 367 -22.99 10.83 -30.39
CA ARG A 367 -23.56 9.97 -29.36
C ARG A 367 -22.95 8.58 -29.48
N GLN A 368 -22.67 7.95 -28.33
CA GLN A 368 -22.07 6.62 -28.31
C GLN A 368 -22.50 5.89 -27.03
N GLU A 369 -22.96 4.65 -27.20
CA GLU A 369 -23.42 3.83 -26.08
C GLU A 369 -22.25 3.55 -25.14
N ILE A 370 -22.51 3.70 -23.84
CA ILE A 370 -21.51 3.42 -22.82
C ILE A 370 -21.12 1.94 -22.91
N GLY A 371 -19.98 1.59 -22.29
CA GLY A 371 -19.58 0.21 -22.14
C GLY A 371 -19.07 -0.42 -23.44
N LYS A 372 -19.50 0.10 -24.61
CA LYS A 372 -19.13 -0.50 -25.87
C LYS A 372 -17.81 0.10 -26.37
N ASN A 373 -17.04 -0.74 -27.07
CA ASN A 373 -15.79 -0.34 -27.71
C ASN A 373 -16.08 0.14 -29.13
N GLU A 374 -16.09 1.46 -29.33
CA GLU A 374 -16.17 2.04 -30.66
C GLU A 374 -14.76 2.42 -31.11
N ILE A 375 -14.56 2.51 -32.44
CA ILE A 375 -13.31 2.98 -33.03
C ILE A 375 -13.53 4.37 -33.64
N TRP A 376 -12.67 5.32 -33.27
CA TRP A 376 -12.76 6.66 -33.80
C TRP A 376 -11.65 6.88 -34.83
N ASP A 377 -11.82 7.88 -35.70
CA ASP A 377 -10.79 8.27 -36.64
C ASP A 377 -10.57 9.77 -36.53
N VAL A 378 -9.73 10.16 -35.56
CA VAL A 378 -9.27 11.53 -35.40
C VAL A 378 -8.19 11.84 -36.43
N SER A 379 -8.37 12.93 -37.18
CA SER A 379 -7.48 13.29 -38.26
C SER A 379 -7.18 14.79 -38.24
N ASN A 380 -6.24 15.21 -39.09
CA ASN A 380 -5.75 16.57 -39.14
C ASN A 380 -5.41 16.93 -40.58
N THR A 381 -6.10 17.96 -41.11
CA THR A 381 -6.02 18.29 -42.53
C THR A 381 -5.25 19.58 -42.71
N ASN A 382 -4.12 19.72 -42.01
CA ASN A 382 -3.22 20.82 -42.23
C ASN A 382 -2.23 20.41 -43.33
N ASP A 383 -1.44 21.38 -43.81
CA ASP A 383 -0.52 21.15 -44.90
C ASP A 383 0.70 20.39 -44.35
N SER A 384 1.01 19.24 -44.95
CA SER A 384 2.10 18.38 -44.49
C SER A 384 3.45 18.99 -44.87
N MET A 385 3.48 19.72 -45.99
CA MET A 385 4.67 20.43 -46.44
C MET A 385 5.29 21.15 -45.24
N PRO A 386 6.49 20.74 -44.78
CA PRO A 386 7.10 21.30 -43.56
C PRO A 386 6.95 22.82 -43.44
N GLY A 387 6.59 23.27 -42.24
CA GLY A 387 6.42 24.69 -41.95
C GLY A 387 4.97 25.12 -42.07
N MET A 388 4.21 24.43 -42.93
CA MET A 388 2.83 24.80 -43.20
C MET A 388 1.88 24.19 -42.17
N GLY A 389 2.34 23.13 -41.49
CA GLY A 389 1.47 22.28 -40.69
C GLY A 389 1.59 22.55 -39.19
N MET A 390 0.68 21.94 -38.43
CA MET A 390 0.55 22.16 -36.99
C MET A 390 0.19 20.86 -36.29
N ILE A 391 0.62 20.68 -35.03
CA ILE A 391 0.32 19.47 -34.28
C ILE A 391 -0.78 19.76 -33.26
N HIS A 392 -1.99 19.26 -33.55
CA HIS A 392 -3.14 19.41 -32.68
C HIS A 392 -3.22 18.18 -31.76
N PRO A 393 -3.30 18.36 -30.42
CA PRO A 393 -3.60 17.24 -29.53
C PRO A 393 -5.09 17.05 -29.21
N LEU A 394 -5.66 15.90 -29.60
CA LEU A 394 -7.04 15.56 -29.27
C LEU A 394 -7.08 15.13 -27.81
N HIS A 395 -7.92 15.83 -27.02
CA HIS A 395 -8.27 15.40 -25.67
C HIS A 395 -9.76 15.04 -25.64
N MET A 396 -10.12 13.99 -24.89
CA MET A 396 -11.50 13.57 -24.71
C MET A 396 -11.81 13.37 -23.24
N HIS A 397 -12.83 14.11 -22.76
CA HIS A 397 -13.28 14.04 -21.40
C HIS A 397 -13.99 12.71 -21.15
N GLY A 398 -13.88 12.22 -19.91
CA GLY A 398 -14.73 11.15 -19.42
C GLY A 398 -14.27 9.76 -19.87
N THR A 399 -13.08 9.65 -20.46
CA THR A 399 -12.61 8.38 -21.01
C THR A 399 -11.09 8.37 -21.19
N GLU A 400 -10.51 7.17 -21.00
CA GLU A 400 -9.19 6.84 -21.49
C GLU A 400 -9.36 5.92 -22.70
N PHE A 401 -8.56 6.12 -23.75
CA PHE A 401 -8.70 5.38 -24.99
C PHE A 401 -7.36 4.76 -25.36
N LEU A 402 -7.39 3.86 -26.35
CA LEU A 402 -6.19 3.23 -26.88
C LEU A 402 -5.90 3.82 -28.26
N VAL A 403 -4.61 4.11 -28.50
CA VAL A 403 -4.15 4.41 -29.85
C VAL A 403 -3.93 3.08 -30.54
N LEU A 404 -4.71 2.81 -31.59
CA LEU A 404 -4.58 1.56 -32.33
C LEU A 404 -3.52 1.73 -33.41
N SER A 405 -3.66 2.78 -34.23
CA SER A 405 -2.80 2.96 -35.39
C SER A 405 -2.57 4.44 -35.68
N ARG A 406 -1.50 4.72 -36.42
CA ARG A 406 -1.26 6.01 -37.04
C ARG A 406 -1.11 5.80 -38.55
N ASN A 407 -2.09 6.28 -39.32
CA ASN A 407 -2.13 6.01 -40.75
C ASN A 407 -1.79 4.54 -41.00
N GLY A 408 -2.50 3.63 -40.35
CA GLY A 408 -2.34 2.20 -40.60
C GLY A 408 -1.15 1.57 -39.88
N LYS A 409 -0.13 2.37 -39.53
CA LYS A 409 1.09 1.85 -38.93
C LYS A 409 0.97 1.83 -37.41
N LYS A 410 1.85 1.03 -36.77
CA LYS A 410 1.89 0.90 -35.32
C LYS A 410 2.17 2.27 -34.71
N PRO A 411 1.50 2.65 -33.58
CA PRO A 411 1.73 3.96 -32.96
C PRO A 411 3.10 3.99 -32.32
N TYR A 412 3.52 5.19 -31.85
CA TYR A 412 4.87 5.36 -31.34
C TYR A 412 5.09 4.44 -30.14
N PRO A 413 6.36 4.07 -29.85
CA PRO A 413 6.65 2.99 -28.90
C PRO A 413 6.08 3.15 -27.48
N ASN A 414 5.57 4.35 -27.16
CA ASN A 414 5.06 4.65 -25.83
C ASN A 414 3.57 5.00 -25.90
N GLU A 415 2.85 4.42 -26.87
CA GLU A 415 1.46 4.76 -27.13
C GLU A 415 0.56 3.52 -27.08
N PHE A 416 1.08 2.42 -26.51
CA PHE A 416 0.30 1.20 -26.41
C PHE A 416 -0.54 1.24 -25.15
N GLY A 417 -0.06 1.94 -24.12
CA GLY A 417 -0.84 2.18 -22.91
C GLY A 417 -2.01 3.10 -23.18
N PHE A 418 -2.90 3.24 -22.19
CA PHE A 418 -4.07 4.09 -22.30
C PHE A 418 -3.64 5.55 -22.41
N LYS A 419 -4.48 6.36 -23.07
CA LYS A 419 -4.23 7.78 -23.23
C LYS A 419 -5.56 8.53 -23.25
N ASP A 420 -5.56 9.76 -22.72
CA ASP A 420 -6.69 10.66 -22.82
C ASP A 420 -6.32 11.89 -23.66
N THR A 421 -5.12 11.86 -24.27
CA THR A 421 -4.62 12.98 -25.04
C THR A 421 -3.57 12.48 -26.01
N VAL A 422 -3.81 12.68 -27.31
CA VAL A 422 -2.95 12.19 -28.37
C VAL A 422 -2.60 13.34 -29.31
N ALA A 423 -1.39 13.29 -29.88
CA ALA A 423 -0.94 14.26 -30.86
C ALA A 423 -1.32 13.82 -32.27
N VAL A 424 -1.83 14.74 -33.09
CA VAL A 424 -2.25 14.42 -34.45
C VAL A 424 -1.43 15.27 -35.42
N ASN A 425 -0.56 14.61 -36.19
CA ASN A 425 0.29 15.27 -37.16
C ASN A 425 -0.51 15.59 -38.41
N PRO A 426 -0.13 16.64 -39.18
CA PRO A 426 -0.84 17.01 -40.40
C PRO A 426 -0.86 15.85 -41.38
N GLY A 427 -2.05 15.57 -41.93
CA GLY A 427 -2.24 14.51 -42.90
C GLY A 427 -2.32 13.15 -42.24
N GLU A 428 -2.44 13.14 -40.90
CA GLU A 428 -2.44 11.90 -40.16
C GLU A 428 -3.88 11.51 -39.83
N HIS A 429 -4.20 10.23 -40.04
CA HIS A 429 -5.41 9.60 -39.52
C HIS A 429 -5.03 8.72 -38.33
N VAL A 430 -5.42 9.15 -37.13
CA VAL A 430 -5.23 8.35 -35.93
C VAL A 430 -6.54 7.62 -35.66
N LYS A 431 -6.46 6.28 -35.52
CA LYS A 431 -7.62 5.49 -35.19
C LYS A 431 -7.53 5.08 -33.72
N LEU A 432 -8.52 5.52 -32.92
CA LEU A 432 -8.54 5.25 -31.49
C LEU A 432 -9.61 4.22 -31.18
N LEU A 433 -9.46 3.55 -30.02
CA LEU A 433 -10.49 2.69 -29.45
C LEU A 433 -11.01 3.33 -28.17
N VAL A 434 -12.28 3.70 -28.17
CA VAL A 434 -12.86 4.48 -27.08
C VAL A 434 -14.02 3.73 -26.45
N LYS A 435 -14.12 3.85 -25.12
CA LYS A 435 -15.24 3.30 -24.37
C LYS A 435 -15.54 4.24 -23.20
N PHE A 436 -16.83 4.60 -23.06
CA PHE A 436 -17.26 5.45 -21.94
C PHE A 436 -17.89 4.56 -20.87
N ASN A 437 -17.50 4.77 -19.62
CA ASN A 437 -17.92 3.89 -18.54
C ASN A 437 -19.15 4.49 -17.88
N VAL A 438 -19.06 5.76 -17.47
CA VAL A 438 -20.22 6.47 -16.98
C VAL A 438 -20.95 7.05 -18.19
N PRO A 439 -22.23 7.43 -18.04
CA PRO A 439 -22.94 8.22 -19.06
C PRO A 439 -22.75 9.71 -18.79
N GLY A 440 -23.25 10.55 -19.69
CA GLY A 440 -23.19 12.00 -19.53
C GLY A 440 -22.62 12.69 -20.76
N ILE A 441 -22.48 14.02 -20.67
CA ILE A 441 -21.99 14.84 -21.78
C ILE A 441 -20.53 15.19 -21.51
N PHE A 442 -19.68 14.89 -22.50
CA PHE A 442 -18.26 15.16 -22.42
C PHE A 442 -17.86 16.08 -23.57
N MET A 443 -16.66 16.68 -23.47
CA MET A 443 -16.11 17.44 -24.58
C MET A 443 -15.09 16.58 -25.32
N TYR A 444 -14.81 16.99 -26.57
CA TYR A 444 -13.57 16.63 -27.22
C TYR A 444 -13.08 17.88 -27.94
N HIS A 445 -11.80 18.22 -27.71
CA HIS A 445 -11.26 19.49 -28.14
C HIS A 445 -9.75 19.39 -28.26
N CYS A 446 -9.21 20.12 -29.24
CA CYS A 446 -7.81 20.48 -29.29
C CYS A 446 -7.42 21.13 -27.95
N HIS A 447 -6.27 20.70 -27.38
CA HIS A 447 -5.85 21.14 -26.05
C HIS A 447 -4.78 22.23 -26.12
N ILE A 448 -4.70 22.92 -27.27
CA ILE A 448 -4.12 24.25 -27.36
C ILE A 448 -5.21 25.23 -26.99
N LEU A 449 -5.04 25.91 -25.85
CA LEU A 449 -6.16 26.46 -25.10
C LEU A 449 -6.75 27.69 -25.80
N GLU A 450 -6.01 28.26 -26.76
CA GLU A 450 -6.50 29.38 -27.54
C GLU A 450 -7.36 28.84 -28.69
N HIS A 451 -7.10 27.58 -29.08
CA HIS A 451 -7.91 26.94 -30.10
C HIS A 451 -9.26 26.56 -29.49
N GLU A 452 -9.22 26.06 -28.26
CA GLU A 452 -10.44 25.70 -27.55
C GLU A 452 -11.34 26.94 -27.46
N ASP A 453 -10.78 28.02 -26.92
CA ASP A 453 -11.54 29.25 -26.75
C ASP A 453 -12.15 29.67 -28.09
N THR A 454 -11.43 29.43 -29.19
CA THR A 454 -11.89 29.89 -30.49
C THR A 454 -12.85 28.88 -31.12
N GLY A 455 -13.30 27.89 -30.35
CA GLY A 455 -14.39 27.04 -30.81
C GLY A 455 -13.95 25.65 -31.26
N MET A 456 -12.67 25.28 -31.12
CA MET A 456 -12.29 23.93 -31.50
C MET A 456 -12.73 22.97 -30.38
N MET A 457 -14.04 22.88 -30.15
CA MET A 457 -14.59 22.07 -29.07
C MET A 457 -15.94 21.53 -29.52
N ALA A 458 -16.11 20.21 -29.44
CA ALA A 458 -17.40 19.56 -29.69
C ALA A 458 -17.76 18.69 -28.48
N GLN A 459 -19.05 18.32 -28.40
CA GLN A 459 -19.56 17.55 -27.27
C GLN A 459 -20.02 16.17 -27.76
N ILE A 460 -19.93 15.18 -26.87
CA ILE A 460 -20.51 13.88 -27.12
C ILE A 460 -21.38 13.49 -25.93
N GLU A 461 -22.49 12.81 -26.21
CA GLU A 461 -23.30 12.19 -25.18
C GLU A 461 -22.92 10.72 -25.06
N ALA A 462 -22.51 10.32 -23.86
CA ALA A 462 -22.37 8.91 -23.52
C ALA A 462 -23.72 8.39 -23.03
N VAL A 463 -24.35 7.51 -23.81
CA VAL A 463 -25.72 7.10 -23.56
C VAL A 463 -25.72 5.75 -22.83
N ASP A 464 -26.44 5.71 -21.71
CA ASP A 464 -26.86 4.48 -21.09
C ASP A 464 -28.07 3.97 -21.86
N PRO A 465 -28.04 2.72 -22.39
CA PRO A 465 -29.20 2.15 -23.08
C PRO A 465 -30.40 1.84 -22.17
N ASN A 466 -30.19 1.93 -20.85
CA ASN A 466 -31.24 1.66 -19.88
C ASN A 466 -31.71 2.96 -19.20
N ASN A 467 -31.26 4.11 -19.72
CA ASN A 467 -31.71 5.39 -19.19
C ASN A 467 -31.47 6.46 -20.27
N PRO A 468 -32.29 6.49 -21.34
CA PRO A 468 -32.25 7.60 -22.28
C PRO A 468 -32.52 8.87 -21.48
N GLN A 469 -31.70 9.90 -21.67
CA GLN A 469 -31.80 11.09 -20.83
C GLN A 469 -32.00 12.35 -21.68
N HIS A 470 -33.00 13.17 -21.34
CA HIS A 470 -33.10 14.49 -21.92
C HIS A 470 -32.04 15.37 -21.27
N TRP A 471 -31.32 16.10 -22.12
CA TRP A 471 -30.34 17.09 -21.68
C TRP A 471 -30.82 18.48 -22.07
N ASN A 472 -31.03 19.33 -21.06
CA ASN A 472 -31.38 20.73 -21.28
C ASN A 472 -30.15 21.59 -21.01
N LEU A 473 -29.37 21.82 -22.07
CA LEU A 473 -28.06 22.45 -21.96
C LEU A 473 -28.16 23.91 -22.42
N LYS A 474 -27.71 24.82 -21.55
CA LYS A 474 -27.77 26.25 -21.82
C LYS A 474 -26.37 26.77 -22.17
N ASP A 475 -26.32 27.85 -22.97
CA ASP A 475 -25.06 28.47 -23.35
C ASP A 475 -24.64 29.48 -22.30
N LEU A 476 -23.34 29.49 -21.97
CA LEU A 476 -22.78 30.34 -20.93
C LEU A 476 -21.42 30.88 -21.39
N CYS A 477 -21.32 32.18 -21.75
CA CYS A 477 -20.07 32.71 -22.30
C CYS A 477 -19.86 34.19 -21.98
N MET B 1 15.71 -6.26 -5.70
CA MET B 1 15.44 -6.87 -4.38
C MET B 1 14.05 -7.54 -4.34
N GLU B 2 13.09 -7.00 -5.12
CA GLU B 2 11.72 -7.52 -5.24
C GLU B 2 10.89 -7.12 -4.02
N LEU B 3 9.55 -7.13 -4.19
CA LEU B 3 8.61 -6.84 -3.12
C LEU B 3 7.58 -7.97 -3.09
N ILE B 4 7.36 -8.58 -1.92
CA ILE B 4 6.45 -9.72 -1.87
C ILE B 4 5.02 -9.21 -1.97
N LYS B 5 4.32 -9.57 -3.06
CA LYS B 5 2.93 -9.18 -3.20
C LYS B 5 2.03 -10.41 -3.13
N ASN B 6 2.38 -11.36 -2.25
CA ASN B 6 1.66 -12.62 -2.15
C ASN B 6 1.88 -13.25 -0.78
N TYR B 7 0.91 -14.06 -0.35
CA TYR B 7 1.06 -14.85 0.85
C TYR B 7 2.08 -15.93 0.55
N PHE B 8 2.43 -16.74 1.53
CA PHE B 8 3.55 -17.63 1.33
C PHE B 8 3.08 -19.06 1.10
N PHE B 9 2.22 -19.60 1.96
CA PHE B 9 1.99 -21.03 1.98
C PHE B 9 1.12 -21.45 0.80
N ASP B 10 1.12 -22.76 0.52
CA ASP B 10 0.37 -23.36 -0.58
C ASP B 10 -1.12 -23.02 -0.44
N GLU B 11 -1.67 -22.34 -1.44
CA GLU B 11 -3.05 -21.86 -1.40
C GLU B 11 -4.02 -23.04 -1.36
N GLY B 12 -3.65 -24.15 -2.02
CA GLY B 12 -4.50 -25.31 -2.13
C GLY B 12 -4.90 -25.92 -0.78
N ALA B 13 -4.16 -25.59 0.29
CA ALA B 13 -4.38 -26.18 1.61
C ALA B 13 -4.76 -25.13 2.65
N TYR B 14 -5.23 -23.97 2.18
CA TYR B 14 -5.66 -22.91 3.09
C TYR B 14 -6.92 -23.36 3.83
N ASP B 15 -7.28 -22.60 4.86
CA ASP B 15 -8.33 -22.99 5.77
C ASP B 15 -9.69 -22.96 5.06
N TYR B 16 -9.88 -21.98 4.15
CA TYR B 16 -11.19 -21.76 3.54
C TYR B 16 -11.61 -22.95 2.69
N HIS B 17 -10.64 -23.80 2.36
CA HIS B 17 -10.93 -25.02 1.61
C HIS B 17 -11.64 -26.05 2.48
N ASP B 18 -11.84 -25.79 3.77
CA ASP B 18 -12.62 -26.72 4.57
C ASP B 18 -14.10 -26.55 4.24
N GLY B 19 -14.83 -27.66 4.30
CA GLY B 19 -16.24 -27.67 3.96
C GLY B 19 -17.07 -26.80 4.90
N ALA B 20 -16.71 -26.80 6.18
CA ALA B 20 -17.47 -26.08 7.19
C ALA B 20 -16.69 -24.86 7.66
N TYR B 21 -16.16 -24.09 6.70
CA TYR B 21 -15.44 -22.87 7.02
C TYR B 21 -16.44 -21.73 7.17
N LYS B 22 -16.06 -20.70 7.91
CA LYS B 22 -16.92 -19.56 8.17
C LYS B 22 -16.18 -18.29 7.79
N HIS B 23 -16.71 -17.56 6.81
CA HIS B 23 -16.14 -16.30 6.38
C HIS B 23 -16.27 -15.32 7.54
N LEU B 24 -15.34 -14.36 7.59
CA LEU B 24 -15.40 -13.32 8.61
C LEU B 24 -16.47 -12.29 8.23
N ILE B 25 -17.33 -12.00 9.19
CA ILE B 25 -18.34 -10.96 9.06
C ILE B 25 -17.84 -9.72 9.82
N ARG B 26 -17.64 -8.63 9.08
CA ARG B 26 -17.47 -7.32 9.71
C ARG B 26 -18.69 -7.06 10.59
N PRO B 27 -18.53 -6.95 11.91
CA PRO B 27 -19.68 -6.70 12.80
C PRO B 27 -20.10 -5.24 12.71
N LYS B 28 -21.42 -5.01 12.76
CA LYS B 28 -21.97 -3.67 12.62
C LYS B 28 -22.05 -3.00 13.99
N THR B 29 -20.91 -2.41 14.42
CA THR B 29 -20.83 -1.64 15.65
C THR B 29 -20.12 -0.31 15.36
N LYS B 30 -19.98 0.52 16.41
CA LYS B 30 -19.23 1.77 16.32
C LYS B 30 -17.74 1.46 16.36
N MET B 31 -16.96 2.22 15.58
CA MET B 31 -15.52 2.10 15.63
C MET B 31 -15.06 2.27 17.07
N HIS B 32 -14.46 1.21 17.64
CA HIS B 32 -13.93 1.23 19.00
C HIS B 32 -12.45 1.62 18.96
N LYS B 33 -11.98 2.26 20.05
CA LYS B 33 -10.57 2.58 20.21
C LYS B 33 -9.81 1.30 20.59
N LEU B 34 -8.65 1.10 19.97
CA LEU B 34 -7.87 -0.12 20.14
C LEU B 34 -7.37 -0.19 21.58
N ILE B 35 -7.57 -1.34 22.22
CA ILE B 35 -7.16 -1.54 23.60
C ILE B 35 -5.70 -2.00 23.61
N ILE B 36 -4.84 -1.18 24.23
CA ILE B 36 -3.45 -1.54 24.45
C ILE B 36 -3.34 -2.20 25.82
N PRO B 37 -2.82 -3.44 25.90
CA PRO B 37 -2.65 -4.10 27.20
C PRO B 37 -1.62 -3.40 28.08
N LYS B 38 -2.02 -3.08 29.32
CA LYS B 38 -1.15 -2.37 30.25
C LYS B 38 0.13 -3.17 30.51
N VAL B 39 1.15 -2.47 31.01
CA VAL B 39 2.44 -3.10 31.32
C VAL B 39 2.30 -3.81 32.65
N LEU B 40 2.89 -5.01 32.75
CA LEU B 40 2.90 -5.75 34.00
C LEU B 40 3.98 -5.19 34.90
N LYS B 41 3.55 -4.48 35.95
CA LYS B 41 4.45 -3.95 36.97
C LYS B 41 4.98 -5.10 37.84
N ALA B 42 6.27 -5.04 38.17
CA ALA B 42 6.87 -6.01 39.09
C ALA B 42 6.29 -5.80 40.49
N ASP B 43 6.39 -6.84 41.32
CA ASP B 43 5.94 -6.77 42.70
C ASP B 43 7.09 -6.32 43.58
N LYS B 44 8.33 -6.57 43.12
CA LYS B 44 9.54 -6.13 43.80
C LYS B 44 10.75 -6.50 42.95
N ILE B 45 11.80 -5.67 43.04
CA ILE B 45 13.09 -6.02 42.47
C ILE B 45 14.13 -6.05 43.59
N GLU B 46 14.64 -7.24 43.87
CA GLU B 46 15.77 -7.43 44.75
C GLU B 46 16.84 -8.22 44.00
N GLY B 47 17.76 -7.48 43.39
CA GLY B 47 18.96 -8.05 42.78
C GLY B 47 18.75 -8.31 41.29
N ASN B 48 19.16 -9.51 40.86
CA ASN B 48 18.98 -9.97 39.49
C ASN B 48 17.65 -10.72 39.38
N THR B 49 16.83 -10.66 40.44
CA THR B 49 15.53 -11.33 40.46
C THR B 49 14.41 -10.28 40.45
N THR B 50 13.43 -10.49 39.56
CA THR B 50 12.27 -9.63 39.46
C THR B 50 11.02 -10.47 39.74
N TYR B 51 10.18 -10.00 40.67
CA TYR B 51 9.06 -10.76 41.18
C TYR B 51 7.79 -10.38 40.42
N TYR B 52 7.02 -11.39 40.02
CA TYR B 52 5.80 -11.21 39.23
C TYR B 52 4.65 -12.01 39.83
N THR B 53 3.46 -11.40 39.84
CA THR B 53 2.22 -12.05 40.25
C THR B 53 1.24 -11.96 39.08
N ILE B 54 0.54 -13.06 38.78
CA ILE B 54 -0.40 -13.08 37.67
C ILE B 54 -1.62 -13.93 38.05
N HIS B 55 -2.76 -13.25 38.26
CA HIS B 55 -4.04 -13.87 38.54
C HIS B 55 -4.81 -14.13 37.26
N ALA B 56 -5.17 -15.39 37.01
CA ALA B 56 -6.12 -15.74 35.97
C ALA B 56 -7.53 -15.74 36.57
N GLN B 57 -8.40 -14.87 36.04
CA GLN B 57 -9.65 -14.52 36.70
C GLN B 57 -10.77 -14.33 35.68
N GLU B 58 -12.01 -14.29 36.21
CA GLU B 58 -13.19 -14.00 35.41
C GLU B 58 -13.44 -12.50 35.41
N GLY B 59 -14.50 -12.07 34.72
CA GLY B 59 -14.88 -10.68 34.64
C GLY B 59 -15.86 -10.44 33.49
N GLU B 60 -16.13 -9.16 33.19
CA GLU B 60 -17.06 -8.80 32.13
C GLU B 60 -16.52 -7.61 31.35
N THR B 61 -16.39 -7.79 30.03
CA THR B 61 -15.76 -6.83 29.15
C THR B 61 -16.78 -6.28 28.17
N ASN B 62 -16.75 -4.97 27.98
CA ASN B 62 -17.52 -4.31 26.94
C ASN B 62 -16.78 -4.46 25.60
N ILE B 63 -17.26 -5.37 24.76
CA ILE B 63 -16.67 -5.63 23.44
C ILE B 63 -17.60 -5.05 22.38
N LEU B 64 -18.84 -5.56 22.34
CA LEU B 64 -19.91 -4.90 21.61
C LEU B 64 -20.41 -3.78 22.49
N ASP B 65 -21.26 -2.90 21.94
CA ASP B 65 -21.63 -1.67 22.61
C ASP B 65 -22.96 -1.80 23.38
N GLY B 66 -23.46 -3.03 23.51
CA GLY B 66 -24.69 -3.31 24.23
C GLY B 66 -24.40 -3.96 25.58
N LYS B 67 -24.60 -5.28 25.65
CA LYS B 67 -24.37 -6.04 26.87
C LYS B 67 -22.88 -6.32 27.02
N ALA B 68 -22.45 -6.54 28.27
CA ALA B 68 -21.10 -6.97 28.57
C ALA B 68 -20.94 -8.43 28.15
N THR B 69 -19.68 -8.89 28.08
CA THR B 69 -19.37 -10.22 27.60
C THR B 69 -18.51 -10.94 28.64
N HIS B 70 -19.04 -12.05 29.17
CA HIS B 70 -18.32 -12.83 30.16
C HIS B 70 -17.02 -13.33 29.54
N THR B 71 -15.89 -12.95 30.16
CA THR B 71 -14.57 -13.22 29.63
C THR B 71 -13.69 -13.76 30.75
N TRP B 72 -12.64 -14.48 30.38
CA TRP B 72 -11.64 -14.88 31.36
C TRP B 72 -10.43 -14.02 31.03
N GLY B 73 -9.60 -13.69 32.01
CA GLY B 73 -8.49 -12.79 31.68
C GLY B 73 -7.37 -12.83 32.69
N TYR B 74 -6.16 -12.47 32.26
CA TYR B 74 -5.03 -12.37 33.17
C TYR B 74 -5.01 -10.95 33.76
N ASN B 75 -4.93 -10.86 35.09
CA ASN B 75 -4.92 -9.59 35.79
C ASN B 75 -5.91 -8.60 35.16
N GLY B 76 -7.00 -9.12 34.59
CA GLY B 76 -7.99 -8.30 33.92
C GLY B 76 -9.20 -9.14 33.48
N SER B 77 -10.19 -8.48 32.89
CA SER B 77 -11.42 -9.14 32.48
C SER B 77 -11.17 -10.05 31.26
N LEU B 78 -10.42 -9.55 30.27
CA LEU B 78 -10.12 -10.32 29.08
C LEU B 78 -8.62 -10.24 28.74
N LEU B 79 -8.09 -11.30 28.11
CA LEU B 79 -6.68 -11.36 27.68
C LEU B 79 -5.74 -10.99 28.84
N GLY B 80 -4.72 -10.18 28.59
CA GLY B 80 -3.72 -9.93 29.62
C GLY B 80 -2.76 -8.81 29.27
N PRO B 81 -1.82 -8.47 30.19
CA PRO B 81 -0.89 -7.35 30.02
C PRO B 81 0.40 -7.76 29.30
N LEU B 82 1.15 -6.74 28.84
CA LEU B 82 2.47 -6.98 28.29
C LEU B 82 3.40 -7.38 29.43
N ILE B 83 3.88 -8.63 29.38
CA ILE B 83 4.83 -9.14 30.36
C ILE B 83 6.22 -9.00 29.76
N ARG B 84 7.07 -8.20 30.43
CA ARG B 84 8.43 -7.98 29.97
C ARG B 84 9.40 -8.85 30.77
N TYR B 85 10.23 -9.60 30.04
CA TYR B 85 11.39 -10.28 30.61
C TYR B 85 12.63 -9.53 30.14
N GLN B 86 13.81 -9.98 30.59
CA GLN B 86 15.06 -9.41 30.10
C GLN B 86 16.17 -10.44 30.22
N SER B 87 16.69 -10.85 29.07
CA SER B 87 17.67 -11.93 28.99
C SER B 87 18.78 -11.71 30.02
N GLY B 88 19.19 -12.79 30.68
CA GLY B 88 20.23 -12.77 31.69
C GLY B 88 19.68 -12.34 33.06
N ARG B 89 18.41 -12.62 33.33
CA ARG B 89 17.81 -12.29 34.60
C ARG B 89 17.07 -13.51 35.16
N HIS B 90 16.77 -13.43 36.47
CA HIS B 90 16.02 -14.45 37.18
C HIS B 90 14.65 -13.86 37.51
N TYR B 91 13.62 -14.73 37.56
CA TYR B 91 12.25 -14.28 37.71
C TYR B 91 11.48 -15.24 38.62
N HIS B 92 10.88 -14.70 39.68
CA HIS B 92 10.00 -15.46 40.56
C HIS B 92 8.56 -15.09 40.24
N LEU B 93 7.77 -16.09 39.84
CA LEU B 93 6.39 -15.87 39.41
C LEU B 93 5.42 -16.59 40.33
N THR B 94 4.44 -15.81 40.82
CA THR B 94 3.33 -16.35 41.59
C THR B 94 2.10 -16.41 40.70
N LEU B 95 1.71 -17.63 40.31
CA LEU B 95 0.59 -17.85 39.42
C LEU B 95 -0.64 -18.16 40.25
N VAL B 96 -1.53 -17.17 40.39
CA VAL B 96 -2.74 -17.33 41.17
C VAL B 96 -3.86 -17.78 40.23
N ASN B 97 -4.61 -18.80 40.66
CA ASN B 97 -5.78 -19.25 39.93
C ASN B 97 -7.03 -18.79 40.67
N ASP B 98 -7.82 -17.94 40.00
CA ASP B 98 -9.09 -17.45 40.51
C ASP B 98 -10.18 -17.76 39.50
N LEU B 99 -9.97 -18.82 38.72
CA LEU B 99 -11.00 -19.33 37.82
C LEU B 99 -11.75 -20.46 38.53
N PRO B 100 -12.86 -20.97 37.95
CA PRO B 100 -13.51 -22.17 38.47
C PRO B 100 -13.10 -23.51 37.85
N GLU B 101 -11.96 -23.54 37.13
CA GLU B 101 -11.39 -24.80 36.69
C GLU B 101 -9.87 -24.67 36.58
N VAL B 102 -9.23 -25.85 36.44
CA VAL B 102 -7.78 -25.98 36.43
C VAL B 102 -7.19 -25.31 35.19
N THR B 103 -6.09 -24.57 35.38
CA THR B 103 -5.39 -23.92 34.28
C THR B 103 -3.88 -24.10 34.48
N THR B 104 -3.11 -23.67 33.46
CA THR B 104 -1.66 -23.60 33.55
C THR B 104 -1.21 -22.23 33.05
N TRP B 105 0.11 -22.06 32.93
CA TRP B 105 0.71 -20.86 32.36
C TRP B 105 1.81 -21.24 31.38
N HIS B 106 1.42 -21.58 30.15
CA HIS B 106 2.40 -21.92 29.13
C HIS B 106 2.99 -20.63 28.55
N TRP B 107 4.32 -20.53 28.65
CA TRP B 107 5.07 -19.40 28.14
C TRP B 107 5.57 -19.72 26.73
N HIS B 108 4.70 -19.48 25.75
CA HIS B 108 4.94 -19.85 24.37
C HIS B 108 6.01 -18.92 23.79
N GLY B 109 7.25 -19.42 23.76
CA GLY B 109 8.39 -18.66 23.27
C GLY B 109 9.60 -18.79 24.19
N LEU B 110 9.34 -18.71 25.50
CA LEU B 110 10.40 -18.79 26.51
C LEU B 110 11.02 -20.19 26.49
N ASN B 111 12.34 -20.23 26.69
CA ASN B 111 13.10 -21.47 26.71
C ASN B 111 13.47 -21.81 28.15
N ILE B 112 12.47 -22.18 28.95
CA ILE B 112 12.65 -22.37 30.39
C ILE B 112 12.42 -23.84 30.75
N PRO B 113 12.91 -24.32 31.92
CA PRO B 113 12.79 -25.74 32.30
C PRO B 113 11.38 -26.33 32.22
N GLY B 114 11.30 -27.51 31.59
CA GLY B 114 10.04 -28.24 31.51
C GLY B 114 9.98 -29.34 32.55
N PRO B 115 8.78 -29.92 32.83
CA PRO B 115 7.51 -29.37 32.36
C PRO B 115 6.72 -28.52 33.34
N ILE B 116 7.37 -28.00 34.39
CA ILE B 116 6.68 -27.29 35.47
C ILE B 116 6.68 -25.78 35.21
N GLU B 117 7.85 -25.21 34.88
CA GLU B 117 7.97 -23.79 34.58
C GLU B 117 7.30 -23.48 33.25
N ASP B 118 7.57 -24.35 32.27
CA ASP B 118 7.01 -24.31 30.93
C ASP B 118 5.51 -23.97 30.96
N GLY B 119 4.81 -24.48 31.98
CA GLY B 119 3.37 -24.34 32.07
C GLY B 119 2.68 -25.28 31.08
N GLY B 120 3.37 -26.36 30.71
CA GLY B 120 2.81 -27.39 29.84
C GLY B 120 1.69 -28.14 30.54
N PRO B 121 1.18 -29.25 29.95
CA PRO B 121 0.13 -30.03 30.59
C PRO B 121 0.57 -30.84 31.82
N HIS B 122 1.64 -30.41 32.48
CA HIS B 122 2.11 -31.03 33.71
C HIS B 122 2.09 -30.05 34.89
N ALA B 123 1.73 -28.78 34.64
CA ALA B 123 1.85 -27.73 35.64
C ALA B 123 0.47 -27.16 36.00
N PRO B 124 -0.49 -28.01 36.41
CA PRO B 124 -1.83 -27.53 36.75
C PRO B 124 -1.84 -26.69 38.03
N VAL B 125 -2.75 -25.72 38.06
CA VAL B 125 -3.02 -24.93 39.25
C VAL B 125 -4.50 -25.04 39.56
N LEU B 126 -4.83 -25.82 40.59
CA LEU B 126 -6.21 -26.04 41.00
C LEU B 126 -6.85 -24.70 41.36
N PRO B 127 -8.14 -24.47 41.03
CA PRO B 127 -8.82 -23.23 41.42
C PRO B 127 -8.57 -22.90 42.89
N GLY B 128 -8.51 -21.60 43.20
CA GLY B 128 -8.29 -21.15 44.57
C GLY B 128 -6.81 -21.24 44.97
N LYS B 129 -6.15 -22.34 44.58
CA LYS B 129 -4.73 -22.52 44.83
C LYS B 129 -3.92 -21.59 43.92
N SER B 130 -2.62 -21.50 44.23
CA SER B 130 -1.66 -20.80 43.40
C SER B 130 -0.35 -21.57 43.39
N ARG B 131 0.62 -21.11 42.57
CA ARG B 131 1.90 -21.79 42.41
C ARG B 131 3.00 -20.74 42.30
N GLU B 132 4.21 -21.11 42.73
CA GLU B 132 5.40 -20.27 42.59
C GLU B 132 6.42 -21.00 41.73
N ILE B 133 7.14 -20.24 40.88
CA ILE B 133 8.16 -20.80 40.01
C ILE B 133 9.34 -19.85 39.89
N LYS B 134 10.52 -20.43 39.66
CA LYS B 134 11.76 -19.69 39.43
C LYS B 134 12.42 -20.16 38.14
N PHE B 135 12.90 -19.19 37.34
CA PHE B 135 13.62 -19.50 36.11
C PHE B 135 14.46 -18.31 35.67
N ASP B 136 15.65 -18.63 35.15
CA ASP B 136 16.44 -17.68 34.39
C ASP B 136 15.83 -17.54 32.99
N VAL B 137 16.25 -16.49 32.28
CA VAL B 137 15.91 -16.29 30.87
C VAL B 137 17.22 -16.02 30.13
N ASN B 138 17.44 -16.78 29.04
CA ASN B 138 18.63 -16.63 28.22
C ASN B 138 18.28 -16.96 26.78
N GLN B 139 17.81 -15.95 26.04
CA GLN B 139 17.42 -16.13 24.65
C GLN B 139 17.38 -14.77 23.95
N PRO B 140 17.17 -14.74 22.61
CA PRO B 140 17.21 -13.48 21.87
C PRO B 140 16.06 -12.52 22.14
N THR B 141 16.16 -11.31 21.59
CA THR B 141 15.10 -10.32 21.65
C THR B 141 14.00 -10.75 20.67
N MET B 142 12.77 -10.83 21.18
CA MET B 142 11.70 -11.52 20.48
C MET B 142 10.36 -11.27 21.18
N THR B 143 9.27 -11.59 20.47
CA THR B 143 7.93 -11.50 21.01
C THR B 143 7.42 -12.93 21.27
N ALA B 144 7.08 -13.19 22.53
CA ALA B 144 6.47 -14.45 22.93
C ALA B 144 5.04 -14.17 23.39
N TRP B 145 4.33 -15.23 23.83
CA TRP B 145 3.03 -15.04 24.45
C TRP B 145 2.74 -16.13 25.47
N LEU B 146 1.75 -15.84 26.32
CA LEU B 146 1.32 -16.70 27.40
C LEU B 146 -0.10 -17.14 27.13
N HIS B 147 -0.30 -18.46 26.98
CA HIS B 147 -1.64 -19.01 26.90
C HIS B 147 -1.70 -20.21 27.83
N PRO B 148 -2.91 -20.55 28.35
CA PRO B 148 -3.09 -21.74 29.17
C PRO B 148 -2.97 -23.00 28.31
N HIS B 149 -2.36 -24.06 28.87
CA HIS B 149 -2.15 -25.29 28.15
C HIS B 149 -2.48 -26.49 29.04
N PRO B 150 -3.76 -26.67 29.47
CA PRO B 150 -4.15 -27.86 30.22
C PRO B 150 -4.52 -29.00 29.27
N CYS B 151 -4.96 -30.13 29.85
CA CYS B 151 -5.38 -31.31 29.09
C CYS B 151 -6.85 -31.58 29.35
N PRO B 152 -7.70 -31.77 28.32
CA PRO B 152 -7.54 -31.14 27.02
C PRO B 152 -8.54 -30.00 26.86
N HIS B 153 -8.29 -28.87 27.53
CA HIS B 153 -9.19 -27.72 27.46
C HIS B 153 -8.42 -26.47 27.03
N THR B 154 -7.20 -26.68 26.53
CA THR B 154 -6.38 -25.58 26.04
C THR B 154 -7.26 -24.70 25.17
N ALA B 155 -8.01 -25.34 24.27
CA ALA B 155 -8.81 -24.62 23.30
C ALA B 155 -9.91 -23.81 23.97
N GLU B 156 -10.70 -24.49 24.81
CA GLU B 156 -11.80 -23.84 25.51
C GLU B 156 -11.28 -22.59 26.22
N GLN B 157 -10.12 -22.72 26.88
CA GLN B 157 -9.66 -21.69 27.80
C GLN B 157 -9.17 -20.46 27.03
N VAL B 158 -8.44 -20.69 25.93
CA VAL B 158 -8.00 -19.61 25.06
C VAL B 158 -9.22 -18.86 24.54
N TRP B 159 -10.26 -19.62 24.17
CA TRP B 159 -11.51 -19.09 23.63
C TRP B 159 -12.21 -18.19 24.66
N LYS B 160 -12.17 -18.61 25.93
CA LYS B 160 -12.78 -17.86 27.02
C LYS B 160 -12.17 -16.47 27.12
N GLY B 161 -10.86 -16.36 26.83
CA GLY B 161 -10.24 -15.05 26.78
C GLY B 161 -8.84 -15.04 27.39
N LEU B 162 -8.18 -16.20 27.44
CA LEU B 162 -6.90 -16.28 28.13
C LEU B 162 -5.76 -16.28 27.12
N ALA B 163 -5.09 -15.12 27.05
CA ALA B 163 -3.90 -14.93 26.23
C ALA B 163 -3.21 -13.69 26.78
N ALA B 164 -1.92 -13.51 26.46
CA ALA B 164 -1.20 -12.33 26.89
C ALA B 164 0.07 -12.18 26.06
N PRO B 165 0.43 -10.96 25.60
CA PRO B 165 1.69 -10.74 24.88
C PRO B 165 2.88 -10.71 25.84
N VAL B 166 4.03 -11.19 25.35
CA VAL B 166 5.25 -11.25 26.14
C VAL B 166 6.37 -10.63 25.31
N ALA B 167 7.18 -9.76 25.96
CA ALA B 167 8.33 -9.14 25.31
C ALA B 167 9.61 -9.52 26.04
N VAL B 168 10.53 -10.18 25.32
CA VAL B 168 11.79 -10.63 25.89
C VAL B 168 12.92 -9.84 25.23
N VAL B 169 13.50 -8.88 25.98
CA VAL B 169 14.55 -8.03 25.47
C VAL B 169 15.89 -8.55 25.97
N ASN B 170 16.67 -9.14 25.07
CA ASN B 170 18.08 -9.42 25.32
C ASN B 170 18.88 -8.20 24.87
N PRO B 171 19.58 -7.49 25.79
CA PRO B 171 20.41 -6.35 25.40
C PRO B 171 21.38 -6.63 24.24
N LEU B 172 21.81 -7.89 24.09
CA LEU B 172 22.88 -8.23 23.16
C LEU B 172 22.42 -8.18 21.71
N ASP B 173 21.15 -8.51 21.40
CA ASP B 173 20.72 -8.54 20.01
C ASP B 173 19.60 -7.54 19.74
N ASP B 174 19.20 -6.75 20.75
CA ASP B 174 18.11 -5.81 20.61
C ASP B 174 18.56 -4.61 19.77
N LEU B 175 17.64 -4.11 18.94
CA LEU B 175 17.86 -2.92 18.14
C LEU B 175 17.04 -1.77 18.75
N PRO B 176 17.67 -0.86 19.52
CA PRO B 176 16.92 0.24 20.14
C PRO B 176 16.57 1.39 19.19
N GLN B 177 17.08 1.33 17.95
CA GLN B 177 16.61 2.19 16.86
C GLN B 177 15.10 2.05 16.72
N LEU B 178 14.65 0.79 16.78
CA LEU B 178 13.28 0.41 16.50
C LEU B 178 12.34 1.08 17.49
N PRO B 179 11.13 1.51 17.04
CA PRO B 179 10.13 2.07 17.95
C PRO B 179 9.95 1.16 19.16
N HIS B 180 10.20 1.72 20.35
CA HIS B 180 10.14 0.94 21.58
C HIS B 180 9.13 1.53 22.56
N THR B 181 8.43 2.59 22.13
CA THR B 181 7.49 3.27 23.00
C THR B 181 6.15 2.55 22.95
N TRP B 182 6.00 1.53 23.80
CA TRP B 182 4.80 0.70 23.85
C TRP B 182 3.56 1.56 24.01
N GLY B 183 2.56 1.32 23.15
CA GLY B 183 1.29 2.04 23.20
C GLY B 183 1.24 3.23 22.24
N VAL B 184 2.41 3.69 21.76
CA VAL B 184 2.50 4.85 20.88
C VAL B 184 2.96 4.40 19.49
N ASP B 185 4.26 4.06 19.38
CA ASP B 185 4.86 3.70 18.11
C ASP B 185 5.10 2.21 18.05
N ASP B 186 4.62 1.49 19.08
CA ASP B 186 4.96 0.09 19.26
C ASP B 186 3.77 -0.58 19.95
N ILE B 187 3.04 -1.42 19.20
CA ILE B 187 1.77 -1.94 19.66
C ILE B 187 1.64 -3.41 19.26
N PRO B 188 0.79 -4.19 19.96
CA PRO B 188 0.47 -5.55 19.55
C PRO B 188 -0.70 -5.55 18.58
N LEU B 189 -0.82 -6.62 17.80
CA LEU B 189 -1.97 -6.86 16.93
C LEU B 189 -2.39 -8.31 17.13
N ILE B 190 -3.06 -8.57 18.27
CA ILE B 190 -3.43 -9.93 18.64
C ILE B 190 -4.76 -10.27 17.96
N PHE B 191 -4.67 -11.05 16.88
CA PHE B 191 -5.81 -11.41 16.07
C PHE B 191 -6.49 -12.65 16.66
N GLN B 192 -7.81 -12.56 16.86
CA GLN B 192 -8.61 -13.65 17.41
C GLN B 192 -9.97 -13.70 16.72
N ASP B 193 -10.52 -14.90 16.50
CA ASP B 193 -11.82 -15.08 15.86
C ASP B 193 -12.79 -15.58 16.93
N ARG B 194 -14.00 -14.99 16.98
CA ARG B 194 -14.99 -15.34 17.99
C ARG B 194 -16.40 -15.19 17.41
N THR B 195 -17.35 -15.95 17.98
CA THR B 195 -18.75 -15.81 17.65
C THR B 195 -19.51 -15.37 18.90
N PHE B 196 -20.44 -14.43 18.72
CA PHE B 196 -21.23 -13.85 19.80
C PHE B 196 -22.67 -14.37 19.75
N HIS B 197 -23.13 -14.96 20.87
CA HIS B 197 -24.51 -15.39 21.01
C HIS B 197 -25.18 -14.53 22.08
N ASP B 198 -25.99 -13.55 21.63
CA ASP B 198 -26.46 -12.49 22.51
C ASP B 198 -25.27 -11.94 23.28
N SER B 199 -24.28 -11.46 22.52
CA SER B 199 -23.12 -10.77 23.07
C SER B 199 -22.31 -11.67 24.01
N GLN B 200 -22.31 -12.99 23.75
CA GLN B 200 -21.66 -13.92 24.67
C GLN B 200 -20.91 -15.01 23.90
N TRP B 201 -19.77 -15.46 24.46
CA TRP B 201 -18.94 -16.44 23.78
C TRP B 201 -19.29 -17.84 24.26
N ASP B 202 -19.77 -18.66 23.32
CA ASP B 202 -20.08 -20.05 23.59
C ASP B 202 -19.12 -20.91 22.78
N TYR B 203 -18.13 -21.49 23.46
CA TYR B 203 -17.14 -22.36 22.81
C TYR B 203 -17.84 -23.64 22.36
N GLN B 204 -18.63 -24.23 23.28
CA GLN B 204 -19.29 -25.50 23.04
C GLN B 204 -20.10 -25.45 21.74
N ALA B 205 -20.78 -24.32 21.49
CA ALA B 205 -21.67 -24.18 20.35
C ALA B 205 -20.87 -24.20 19.05
N ASP B 206 -19.78 -23.43 19.02
CA ASP B 206 -19.02 -23.19 17.80
C ASP B 206 -17.96 -24.29 17.60
N TYR B 207 -17.81 -25.19 18.59
CA TYR B 207 -16.77 -26.19 18.56
C TYR B 207 -16.79 -26.95 17.23
N ASP B 208 -15.58 -27.20 16.70
CA ASP B 208 -15.35 -28.16 15.63
C ASP B 208 -13.98 -28.79 15.88
N MET B 209 -13.91 -30.12 15.75
CA MET B 209 -12.66 -30.84 16.01
C MET B 209 -11.57 -30.39 15.05
N ASP B 210 -11.94 -30.02 13.82
CA ASP B 210 -10.97 -29.63 12.81
C ASP B 210 -10.65 -28.14 12.93
N GLY B 211 -10.94 -27.56 14.10
CA GLY B 211 -10.58 -26.18 14.38
C GLY B 211 -11.80 -25.29 14.52
N THR B 212 -11.92 -24.62 15.68
CA THR B 212 -13.08 -23.81 15.99
C THR B 212 -12.94 -22.44 15.33
N LEU B 213 -13.95 -22.06 14.54
CA LEU B 213 -13.93 -20.80 13.81
C LEU B 213 -15.02 -19.86 14.35
N GLY B 214 -14.72 -18.56 14.34
CA GLY B 214 -15.63 -17.54 14.81
C GLY B 214 -15.83 -16.46 13.75
N ASP B 215 -17.08 -15.96 13.64
CA ASP B 215 -17.49 -15.15 12.51
C ASP B 215 -16.98 -13.72 12.62
N THR B 216 -16.47 -13.34 13.80
CA THR B 216 -16.03 -11.98 14.07
C THR B 216 -14.55 -12.00 14.44
N ALA B 217 -13.81 -11.01 13.91
CA ALA B 217 -12.38 -10.90 14.20
C ALA B 217 -12.20 -9.91 15.34
N LEU B 218 -11.34 -10.28 16.30
CA LEU B 218 -10.94 -9.41 17.39
C LEU B 218 -9.48 -9.04 17.23
N VAL B 219 -9.14 -7.87 17.78
CA VAL B 219 -7.77 -7.39 17.81
C VAL B 219 -7.54 -6.80 19.20
N ASN B 220 -6.77 -7.51 20.04
CA ASN B 220 -6.59 -7.11 21.42
C ASN B 220 -7.97 -6.99 22.06
N GLY B 221 -8.83 -7.97 21.81
CA GLY B 221 -10.18 -7.96 22.36
C GLY B 221 -10.96 -6.71 21.97
N THR B 222 -10.65 -6.13 20.81
CA THR B 222 -11.36 -4.96 20.32
C THR B 222 -12.01 -5.31 18.98
N VAL B 223 -13.15 -4.66 18.71
CA VAL B 223 -13.90 -4.88 17.49
C VAL B 223 -14.09 -3.54 16.79
N ASN B 224 -13.87 -3.53 15.46
CA ASN B 224 -13.83 -2.31 14.69
C ASN B 224 -12.75 -1.39 15.24
N ALA B 225 -11.59 -1.99 15.55
CA ALA B 225 -10.52 -1.26 16.20
C ALA B 225 -10.00 -0.15 15.29
N GLU B 226 -9.84 1.04 15.87
CA GLU B 226 -9.08 2.12 15.25
C GLU B 226 -7.87 2.41 16.14
N PHE B 227 -6.76 2.81 15.51
CA PHE B 227 -5.58 3.26 16.25
C PHE B 227 -5.07 4.53 15.59
N THR B 228 -4.86 5.57 16.41
CA THR B 228 -4.32 6.83 15.94
C THR B 228 -2.80 6.73 15.96
N VAL B 229 -2.20 6.87 14.77
CA VAL B 229 -0.76 6.89 14.62
C VAL B 229 -0.28 8.32 14.92
N THR B 230 0.46 8.46 16.02
CA THR B 230 0.99 9.74 16.43
C THR B 230 2.44 9.90 15.96
N ARG B 231 2.92 8.99 15.10
CA ARG B 231 4.33 8.93 14.76
C ARG B 231 4.57 8.24 13.42
N PRO B 232 5.59 8.68 12.65
CA PRO B 232 5.83 8.15 11.30
C PRO B 232 6.05 6.65 11.20
N CYS B 233 6.92 6.12 12.07
CA CYS B 233 7.17 4.69 12.12
C CYS B 233 6.26 4.04 13.17
N LEU B 234 5.77 2.85 12.86
CA LEU B 234 4.86 2.12 13.74
C LEU B 234 5.25 0.65 13.71
N ARG B 235 5.54 0.07 14.87
CA ARG B 235 5.99 -1.30 14.97
C ARG B 235 4.86 -2.19 15.49
N LEU B 236 4.30 -3.00 14.60
CA LEU B 236 3.25 -3.95 14.96
C LEU B 236 3.89 -5.27 15.33
N ARG B 237 3.46 -5.84 16.47
CA ARG B 237 3.83 -7.18 16.90
C ARG B 237 2.64 -8.10 16.65
N VAL B 238 2.55 -8.64 15.43
CA VAL B 238 1.38 -9.36 14.98
C VAL B 238 1.37 -10.75 15.63
N LEU B 239 0.17 -11.20 16.02
CA LEU B 239 -0.01 -12.50 16.65
C LEU B 239 -1.36 -13.08 16.22
N ASN B 240 -1.32 -14.27 15.62
CA ASN B 240 -2.52 -15.06 15.40
C ASN B 240 -2.74 -15.90 16.66
N GLY B 241 -3.78 -15.54 17.42
CA GLY B 241 -4.15 -16.26 18.63
C GLY B 241 -5.54 -16.89 18.51
N ALA B 242 -5.97 -17.11 17.26
CA ALA B 242 -7.17 -17.87 16.97
C ALA B 242 -6.95 -19.34 17.29
N ASN B 243 -8.03 -20.11 17.24
CA ASN B 243 -7.96 -21.54 17.50
C ASN B 243 -7.55 -22.27 16.22
N ARG B 244 -8.03 -21.78 15.08
CA ARG B 244 -7.69 -22.39 13.80
C ARG B 244 -7.38 -21.33 12.76
N ARG B 245 -8.15 -20.23 12.75
CA ARG B 245 -8.20 -19.35 11.60
C ARG B 245 -6.81 -18.86 11.23
N GLU B 246 -6.46 -19.02 9.94
CA GLU B 246 -5.18 -18.54 9.46
C GLU B 246 -5.35 -17.05 9.17
N LEU B 247 -4.37 -16.25 9.60
CA LEU B 247 -4.44 -14.81 9.50
C LEU B 247 -3.76 -14.38 8.21
N ARG B 248 -4.57 -13.96 7.22
CA ARG B 248 -4.04 -13.41 5.98
C ARG B 248 -4.17 -11.90 6.06
N LEU B 249 -3.07 -11.22 6.40
CA LEU B 249 -3.07 -9.81 6.70
C LEU B 249 -2.65 -9.03 5.46
N ASN B 250 -3.54 -8.14 5.03
CA ASN B 250 -3.34 -7.33 3.84
C ASN B 250 -3.87 -5.92 4.08
N SER B 251 -3.58 -5.00 3.15
CA SER B 251 -4.03 -3.63 3.22
C SER B 251 -4.68 -3.24 1.91
N ASP B 252 -5.71 -2.38 1.98
CA ASP B 252 -6.45 -1.98 0.80
C ASP B 252 -5.68 -0.94 0.00
N GLN B 253 -4.56 -0.43 0.53
CA GLN B 253 -3.70 0.50 -0.19
C GLN B 253 -2.29 -0.08 -0.32
N ASN B 254 -2.13 -1.36 0.02
CA ASN B 254 -0.89 -2.09 -0.23
C ASN B 254 0.29 -1.29 0.33
N ILE B 255 0.13 -0.81 1.56
CA ILE B 255 1.25 -0.22 2.28
C ILE B 255 2.28 -1.34 2.48
N VAL B 256 3.55 -0.99 2.30
CA VAL B 256 4.62 -1.97 2.42
C VAL B 256 4.84 -2.25 3.90
N MET B 257 4.88 -3.55 4.22
CA MET B 257 5.23 -4.05 5.53
C MET B 257 6.69 -4.50 5.51
N THR B 258 7.52 -3.89 6.36
CA THR B 258 8.89 -4.34 6.52
C THR B 258 8.95 -5.25 7.74
N GLN B 259 9.03 -6.56 7.49
CA GLN B 259 9.14 -7.53 8.58
C GLN B 259 10.57 -7.50 9.12
N ILE B 260 10.70 -7.18 10.41
CA ILE B 260 11.99 -7.12 11.09
C ILE B 260 12.22 -8.40 11.90
N ALA B 261 11.15 -9.03 12.38
CA ALA B 261 11.29 -10.21 13.21
C ALA B 261 10.21 -11.25 12.89
N SER B 262 10.52 -12.49 13.28
CA SER B 262 9.54 -13.56 13.32
C SER B 262 9.30 -13.93 14.78
N ASP B 263 8.92 -15.20 15.01
CA ASP B 263 8.67 -15.73 16.33
C ASP B 263 9.93 -15.54 17.20
N GLY B 264 11.01 -16.22 16.81
CA GLY B 264 12.16 -16.44 17.69
C GLY B 264 13.23 -15.35 17.56
N GLY B 265 12.81 -14.11 17.29
CA GLY B 265 13.72 -12.99 17.20
C GLY B 265 13.89 -12.54 15.75
N PHE B 266 14.83 -11.61 15.56
CA PHE B 266 14.91 -10.84 14.33
C PHE B 266 15.34 -11.72 13.16
N LEU B 267 15.04 -11.23 11.95
CA LEU B 267 15.46 -11.88 10.73
C LEU B 267 16.85 -11.38 10.39
N PRO B 268 17.69 -12.18 9.70
CA PRO B 268 18.97 -11.70 9.19
C PRO B 268 18.84 -10.35 8.48
N HIS B 269 17.96 -10.28 7.47
CA HIS B 269 17.70 -9.05 6.74
C HIS B 269 16.20 -8.82 6.74
N ALA B 270 15.81 -7.55 6.62
CA ALA B 270 14.41 -7.17 6.64
C ALA B 270 13.75 -7.63 5.34
N ILE B 271 12.42 -7.80 5.40
CA ILE B 271 11.66 -8.32 4.27
C ILE B 271 10.45 -7.44 4.04
N GLU B 272 10.41 -6.78 2.88
CA GLU B 272 9.31 -5.91 2.52
C GLU B 272 8.24 -6.75 1.81
N MET B 273 6.97 -6.43 2.10
CA MET B 273 5.85 -7.18 1.57
C MET B 273 4.56 -6.37 1.78
N THR B 274 3.56 -6.62 0.94
CA THR B 274 2.28 -5.93 1.01
C THR B 274 1.24 -6.81 1.69
N LYS B 275 1.61 -8.07 1.93
CA LYS B 275 0.72 -9.09 2.48
C LYS B 275 1.56 -10.09 3.26
N ILE B 276 0.91 -10.90 4.09
CA ILE B 276 1.60 -11.87 4.91
C ILE B 276 0.58 -12.84 5.48
N MET B 277 0.97 -14.12 5.59
CA MET B 277 0.11 -15.15 6.18
C MET B 277 0.79 -15.73 7.42
N LEU B 278 0.01 -15.83 8.49
CA LEU B 278 0.49 -16.39 9.75
C LEU B 278 -0.47 -17.50 10.17
N THR B 279 0.11 -18.66 10.51
CA THR B 279 -0.65 -19.72 11.14
C THR B 279 -0.75 -19.40 12.63
N ASN B 280 -1.45 -20.27 13.36
CA ASN B 280 -1.71 -20.06 14.77
C ASN B 280 -0.37 -19.97 15.50
N ALA B 281 -0.24 -18.94 16.34
CA ALA B 281 0.88 -18.75 17.26
C ALA B 281 2.11 -18.16 16.57
N GLU B 282 2.06 -18.05 15.23
CA GLU B 282 3.17 -17.48 14.48
C GLU B 282 3.17 -15.98 14.73
N ARG B 283 4.29 -15.46 15.23
CA ARG B 283 4.38 -14.04 15.52
C ARG B 283 5.24 -13.37 14.46
N ALA B 284 4.90 -12.12 14.14
CA ALA B 284 5.63 -11.32 13.18
C ALA B 284 5.67 -9.87 13.65
N GLU B 285 6.88 -9.33 13.84
CA GLU B 285 7.07 -7.92 14.11
C GLU B 285 7.28 -7.22 12.77
N ILE B 286 6.45 -6.20 12.48
CA ILE B 286 6.50 -5.50 11.20
C ILE B 286 6.52 -3.99 11.42
N LEU B 287 7.09 -3.28 10.44
CA LEU B 287 7.18 -1.83 10.44
C LEU B 287 6.41 -1.29 9.26
N LEU B 288 5.51 -0.34 9.55
CA LEU B 288 4.85 0.47 8.54
C LEU B 288 5.39 1.88 8.64
N ASP B 289 5.34 2.62 7.53
CA ASP B 289 5.85 3.98 7.52
C ASP B 289 4.82 4.88 6.84
N PHE B 290 4.48 5.98 7.52
CA PHE B 290 3.39 6.84 7.12
C PHE B 290 3.92 8.20 6.66
N SER B 291 5.21 8.24 6.28
CA SER B 291 5.84 9.45 5.78
C SER B 291 5.00 10.03 4.66
N ASP B 292 4.62 9.17 3.71
CA ASP B 292 3.92 9.58 2.51
C ASP B 292 2.42 9.63 2.77
N TYR B 293 2.01 10.15 3.94
CA TYR B 293 0.60 10.30 4.26
C TYR B 293 0.39 11.60 5.04
N LYS B 294 -0.60 12.37 4.60
CA LYS B 294 -1.07 13.54 5.32
C LYS B 294 -1.90 13.08 6.53
N LYS B 295 -2.45 14.04 7.27
CA LYS B 295 -3.20 13.77 8.50
C LYS B 295 -4.66 13.45 8.17
N GLY B 296 -5.22 12.48 8.89
CA GLY B 296 -6.62 12.12 8.75
C GLY B 296 -6.80 10.89 7.86
N ASP B 297 -5.77 10.54 7.09
CA ASP B 297 -5.87 9.47 6.10
C ASP B 297 -5.87 8.13 6.83
N ARG B 298 -6.88 7.29 6.53
CA ARG B 298 -6.98 5.98 7.14
C ARG B 298 -6.19 4.96 6.33
N ILE B 299 -5.53 4.03 7.03
CA ILE B 299 -4.94 2.82 6.44
C ILE B 299 -5.59 1.60 7.07
N VAL B 300 -6.38 0.88 6.27
CA VAL B 300 -7.12 -0.28 6.74
C VAL B 300 -6.21 -1.50 6.67
N LEU B 301 -6.15 -2.28 7.75
CA LEU B 301 -5.55 -3.60 7.74
C LEU B 301 -6.67 -4.62 7.84
N LYS B 302 -6.70 -5.56 6.90
CA LYS B 302 -7.85 -6.45 6.85
C LYS B 302 -7.38 -7.90 6.88
N ALA B 303 -8.19 -8.77 7.51
CA ALA B 303 -7.89 -10.18 7.49
C ALA B 303 -8.70 -10.79 6.36
N ASP B 304 -8.01 -11.30 5.34
CA ASP B 304 -8.68 -11.98 4.24
C ASP B 304 -9.93 -11.20 3.83
N ASP B 305 -9.75 -9.97 3.32
CA ASP B 305 -10.83 -9.16 2.76
C ASP B 305 -11.85 -8.71 3.81
N VAL B 306 -11.49 -8.71 5.10
CA VAL B 306 -12.38 -8.19 6.15
C VAL B 306 -11.58 -7.28 7.08
N PRO B 307 -11.90 -5.97 7.18
CA PRO B 307 -11.13 -5.05 8.03
C PRO B 307 -11.08 -5.49 9.48
N ILE B 308 -9.96 -5.17 10.14
CA ILE B 308 -9.73 -5.57 11.52
C ILE B 308 -9.12 -4.42 12.33
N LEU B 309 -8.43 -3.50 11.65
CA LEU B 309 -7.78 -2.40 12.33
C LEU B 309 -7.60 -1.23 11.37
N THR B 310 -8.05 -0.05 11.80
CA THR B 310 -7.99 1.17 11.00
C THR B 310 -6.93 2.10 11.60
N LEU B 311 -5.81 2.25 10.90
CA LEU B 311 -4.73 3.12 11.36
C LEU B 311 -5.00 4.54 10.85
N LYS B 312 -5.53 5.39 11.73
CA LYS B 312 -5.81 6.78 11.39
C LYS B 312 -4.55 7.61 11.66
N VAL B 313 -4.14 8.39 10.66
CA VAL B 313 -2.95 9.20 10.78
C VAL B 313 -3.30 10.46 11.57
N GLY B 314 -2.60 10.68 12.67
CA GLY B 314 -2.75 11.88 13.48
C GLY B 314 -1.54 12.80 13.33
N GLU B 315 -1.53 13.89 14.10
CA GLU B 315 -0.43 14.84 14.07
C GLU B 315 0.83 14.21 14.67
N PHE B 316 1.86 14.02 13.84
CA PHE B 316 3.12 13.47 14.29
C PHE B 316 3.71 14.40 15.35
N THR B 317 4.21 13.81 16.43
CA THR B 317 4.84 14.55 17.51
C THR B 317 6.34 14.55 17.27
N GLU B 318 6.89 13.35 16.95
CA GLU B 318 8.31 13.19 16.68
C GLU B 318 8.49 12.64 15.26
N ASP B 319 9.75 12.64 14.80
CA ASP B 319 10.20 11.66 13.83
C ASP B 319 10.92 10.56 14.59
N ASN B 320 10.45 9.32 14.42
CA ASN B 320 11.00 8.17 15.12
C ASN B 320 11.61 7.19 14.11
N ARG B 321 11.93 7.70 12.91
CA ARG B 321 12.61 6.89 11.92
C ARG B 321 14.10 6.90 12.21
N ARG B 322 14.72 5.73 12.05
CA ARG B 322 16.13 5.54 12.34
C ARG B 322 16.67 4.52 11.34
N GLN B 323 17.86 4.77 10.79
CA GLN B 323 18.45 3.88 9.80
C GLN B 323 18.72 2.53 10.44
N LEU B 324 18.35 1.46 9.72
CA LEU B 324 18.57 0.10 10.18
C LEU B 324 19.77 -0.49 9.45
N PRO B 325 20.51 -1.43 10.09
CA PRO B 325 21.63 -2.10 9.44
C PRO B 325 21.12 -3.15 8.44
N LYS B 326 21.90 -3.33 7.36
CA LYS B 326 21.59 -4.29 6.32
C LYS B 326 21.40 -5.68 6.93
N THR B 327 22.25 -5.99 7.91
CA THR B 327 22.15 -7.22 8.69
C THR B 327 21.53 -6.89 10.05
N LEU B 328 20.30 -7.37 10.29
CA LEU B 328 19.59 -7.11 11.54
C LEU B 328 20.10 -8.04 12.65
N LYS B 329 20.58 -9.22 12.24
CA LYS B 329 21.08 -10.20 13.19
C LYS B 329 21.96 -11.22 12.47
N GLN B 330 23.09 -11.56 13.09
CA GLN B 330 24.01 -12.55 12.58
C GLN B 330 23.55 -13.94 13.00
N ILE B 331 23.44 -14.85 12.03
CA ILE B 331 23.00 -16.22 12.29
C ILE B 331 23.84 -17.18 11.45
N GLU B 332 24.39 -18.21 12.10
CA GLU B 332 24.97 -19.35 11.42
C GLU B 332 23.83 -20.25 10.94
N ARG B 333 23.80 -20.54 9.63
CA ARG B 333 22.76 -21.37 9.03
C ARG B 333 23.36 -22.60 8.35
N ASP B 334 24.70 -22.63 8.21
CA ASP B 334 25.35 -23.68 7.45
C ASP B 334 25.37 -24.96 8.28
N PHE B 335 24.47 -25.90 7.95
CA PHE B 335 24.34 -27.16 8.66
C PHE B 335 23.76 -28.22 7.73
N THR B 336 24.53 -29.29 7.46
CA THR B 336 24.15 -30.34 6.54
C THR B 336 23.91 -31.64 7.31
N GLY B 337 23.59 -32.72 6.57
CA GLY B 337 23.60 -34.07 7.11
C GLY B 337 22.23 -34.73 7.06
N SER B 338 22.15 -35.92 7.67
CA SER B 338 20.92 -36.69 7.75
C SER B 338 20.10 -36.22 8.95
N PRO B 339 18.76 -36.18 8.87
CA PRO B 339 17.92 -35.87 10.03
C PRO B 339 18.02 -36.95 11.11
N SER B 340 18.30 -36.54 12.35
CA SER B 340 18.39 -37.47 13.47
C SER B 340 17.05 -37.52 14.22
N HIS B 341 16.03 -36.84 13.69
CA HIS B 341 14.68 -36.91 14.23
C HIS B 341 13.67 -36.82 13.08
N GLN B 342 12.49 -37.40 13.30
CA GLN B 342 11.42 -37.44 12.32
C GLN B 342 10.08 -37.25 13.01
N VAL B 343 9.28 -36.31 12.48
CA VAL B 343 7.92 -36.08 12.96
C VAL B 343 6.99 -36.15 11.76
N ILE B 344 6.05 -37.11 11.80
CA ILE B 344 5.10 -37.31 10.71
C ILE B 344 3.71 -36.95 11.21
N MET B 345 3.31 -35.72 10.88
CA MET B 345 1.98 -35.20 11.17
C MET B 345 1.03 -35.71 10.09
N GLU B 346 -0.09 -36.30 10.51
CA GLU B 346 -1.03 -36.90 9.56
C GLU B 346 -2.45 -36.73 10.08
N GLY B 347 -3.41 -36.73 9.15
CA GLY B 347 -4.82 -36.77 9.50
C GLY B 347 -5.43 -35.37 9.65
N MET B 348 -6.75 -35.30 9.43
CA MET B 348 -7.53 -34.08 9.65
C MET B 348 -8.60 -34.38 10.68
N ASP B 349 -9.55 -33.46 10.87
CA ASP B 349 -10.59 -33.62 11.88
C ASP B 349 -9.95 -34.46 12.98
N ASP B 350 -10.52 -35.64 13.26
CA ASP B 350 -10.05 -36.46 14.38
C ASP B 350 -9.04 -37.54 14.00
N SER B 351 -8.56 -37.57 12.76
CA SER B 351 -7.51 -38.50 12.37
C SER B 351 -6.15 -38.00 12.85
N VAL B 352 -6.12 -36.77 13.37
CA VAL B 352 -4.90 -36.12 13.82
C VAL B 352 -4.04 -37.11 14.61
N ARG B 353 -2.78 -37.30 14.17
CA ARG B 353 -1.87 -38.22 14.82
C ARG B 353 -0.41 -37.90 14.50
N ILE B 354 0.45 -37.87 15.53
CA ILE B 354 1.88 -37.68 15.36
C ILE B 354 2.54 -39.06 15.37
N ASN B 355 3.21 -39.41 14.27
CA ASN B 355 3.84 -40.71 14.12
C ASN B 355 2.88 -41.81 14.57
N GLY B 356 1.63 -41.73 14.11
CA GLY B 356 0.65 -42.80 14.27
C GLY B 356 0.02 -42.87 15.67
N LYS B 357 0.58 -42.12 16.63
CA LYS B 357 0.14 -42.21 18.02
C LYS B 357 -0.58 -40.94 18.41
N LEU B 358 -1.42 -41.03 19.45
CA LEU B 358 -2.05 -39.84 20.00
C LEU B 358 -1.23 -39.41 21.21
N TYR B 359 -1.78 -38.51 22.04
CA TYR B 359 -1.04 -37.98 23.17
C TYR B 359 -1.22 -38.89 24.37
N ASP B 360 -0.07 -39.32 24.92
CA ASP B 360 0.00 -40.06 26.16
C ASP B 360 0.89 -39.24 27.11
N MET B 361 0.30 -38.76 28.21
CA MET B 361 0.97 -37.82 29.09
C MET B 361 2.11 -38.49 29.85
N THR B 362 2.06 -39.82 29.97
CA THR B 362 3.05 -40.55 30.75
C THR B 362 4.19 -41.04 29.86
N ARG B 363 4.09 -40.85 28.54
CA ARG B 363 5.04 -41.42 27.58
C ARG B 363 5.98 -40.34 27.04
N ILE B 364 7.28 -40.67 26.99
CA ILE B 364 8.30 -39.87 26.33
C ILE B 364 8.46 -40.39 24.91
N ASP B 365 8.24 -39.50 23.94
CA ASP B 365 8.15 -39.90 22.54
C ASP B 365 9.51 -39.80 21.85
N ASP B 366 10.43 -38.99 22.40
CA ASP B 366 11.76 -38.81 21.81
C ASP B 366 12.73 -38.32 22.89
N ARG B 367 14.02 -38.38 22.56
CA ARG B 367 15.07 -37.87 23.43
C ARG B 367 16.19 -37.25 22.58
N GLN B 368 16.71 -36.10 23.06
CA GLN B 368 17.82 -35.41 22.41
C GLN B 368 18.70 -34.74 23.47
N GLU B 369 20.03 -34.85 23.27
CA GLU B 369 20.99 -34.26 24.18
C GLU B 369 20.98 -32.74 24.04
N ILE B 370 20.96 -32.03 25.18
CA ILE B 370 20.93 -30.57 25.19
C ILE B 370 22.22 -30.04 24.55
N GLY B 371 22.19 -28.77 24.14
CA GLY B 371 23.37 -28.11 23.62
C GLY B 371 23.63 -28.45 22.15
N LYS B 372 23.44 -29.73 21.78
CA LYS B 372 23.78 -30.20 20.44
C LYS B 372 22.75 -29.73 19.42
N ASN B 373 23.21 -29.56 18.17
CA ASN B 373 22.37 -29.18 17.05
C ASN B 373 21.93 -30.43 16.28
N GLU B 374 20.68 -30.85 16.47
CA GLU B 374 20.11 -31.97 15.73
C GLU B 374 19.19 -31.44 14.63
N ILE B 375 19.04 -32.24 13.56
CA ILE B 375 18.17 -31.91 12.44
C ILE B 375 16.91 -32.77 12.48
N TRP B 376 15.75 -32.13 12.42
CA TRP B 376 14.48 -32.84 12.44
C TRP B 376 13.89 -32.86 11.03
N ASP B 377 12.93 -33.77 10.81
CA ASP B 377 12.20 -33.83 9.55
C ASP B 377 10.70 -33.87 9.87
N VAL B 378 10.14 -32.69 10.17
CA VAL B 378 8.70 -32.55 10.30
C VAL B 378 8.08 -32.59 8.91
N SER B 379 6.99 -33.37 8.76
CA SER B 379 6.34 -33.54 7.48
C SER B 379 4.82 -33.57 7.67
N ASN B 380 4.09 -33.61 6.55
CA ASN B 380 2.63 -33.59 6.58
C ASN B 380 2.12 -34.46 5.43
N THR B 381 1.33 -35.49 5.78
CA THR B 381 0.84 -36.46 4.82
C THR B 381 -0.66 -36.27 4.61
N ASN B 382 -1.06 -35.03 4.31
CA ASN B 382 -2.41 -34.75 3.84
C ASN B 382 -2.39 -34.75 2.31
N ASP B 383 -3.57 -34.75 1.70
CA ASP B 383 -3.65 -34.86 0.24
C ASP B 383 -3.33 -33.51 -0.39
N SER B 384 -2.37 -33.51 -1.33
CA SER B 384 -1.88 -32.31 -1.97
C SER B 384 -2.89 -31.81 -3.00
N MET B 385 -3.73 -32.71 -3.52
CA MET B 385 -4.80 -32.34 -4.44
C MET B 385 -5.58 -31.17 -3.84
N PRO B 386 -5.55 -29.97 -4.47
CA PRO B 386 -6.18 -28.77 -3.91
C PRO B 386 -7.54 -28.98 -3.27
N GLY B 387 -7.71 -28.41 -2.08
CA GLY B 387 -8.93 -28.61 -1.30
C GLY B 387 -8.72 -29.67 -0.22
N MET B 388 -8.07 -30.77 -0.60
CA MET B 388 -8.03 -31.98 0.20
C MET B 388 -7.06 -31.85 1.37
N GLY B 389 -6.26 -30.78 1.38
CA GLY B 389 -5.13 -30.67 2.30
C GLY B 389 -5.32 -29.57 3.35
N MET B 390 -4.45 -29.63 4.37
CA MET B 390 -4.56 -28.80 5.57
C MET B 390 -3.16 -28.35 5.99
N ILE B 391 -3.06 -27.15 6.57
CA ILE B 391 -1.79 -26.58 7.00
C ILE B 391 -1.66 -26.67 8.52
N HIS B 392 -0.80 -27.58 8.95
CA HIS B 392 -0.57 -27.82 10.36
C HIS B 392 0.68 -27.06 10.80
N PRO B 393 0.59 -26.15 11.80
CA PRO B 393 1.77 -25.51 12.36
C PRO B 393 2.46 -26.28 13.49
N LEU B 394 3.69 -26.78 13.26
CA LEU B 394 4.47 -27.44 14.29
C LEU B 394 4.98 -26.37 15.27
N HIS B 395 4.64 -26.54 16.55
CA HIS B 395 5.23 -25.78 17.63
C HIS B 395 6.10 -26.73 18.47
N MET B 396 7.21 -26.23 19.03
CA MET B 396 8.02 -26.96 19.98
C MET B 396 8.30 -26.10 21.21
N HIS B 397 8.01 -26.67 22.39
CA HIS B 397 8.30 -26.03 23.66
C HIS B 397 9.81 -26.02 23.87
N GLY B 398 10.30 -25.02 24.61
CA GLY B 398 11.61 -25.04 25.24
C GLY B 398 12.76 -24.73 24.28
N THR B 399 12.45 -24.31 23.04
CA THR B 399 13.47 -24.11 22.03
C THR B 399 12.98 -23.17 20.95
N GLU B 400 13.94 -22.46 20.34
CA GLU B 400 13.76 -21.87 19.02
C GLU B 400 14.56 -22.73 18.04
N PHE B 401 14.13 -22.80 16.78
CA PHE B 401 14.80 -23.62 15.79
C PHE B 401 14.95 -22.85 14.50
N LEU B 402 15.78 -23.39 13.59
CA LEU B 402 16.01 -22.80 12.27
C LEU B 402 15.36 -23.69 11.22
N VAL B 403 14.63 -23.06 10.30
CA VAL B 403 14.12 -23.74 9.11
C VAL B 403 15.25 -23.79 8.09
N LEU B 404 15.71 -25.01 7.79
CA LEU B 404 16.80 -25.21 6.85
C LEU B 404 16.25 -25.32 5.44
N SER B 405 15.27 -26.21 5.23
CA SER B 405 14.77 -26.50 3.90
C SER B 405 13.26 -26.79 3.94
N ARG B 406 12.61 -26.54 2.79
CA ARG B 406 11.27 -27.00 2.51
C ARG B 406 11.30 -27.86 1.25
N ASN B 407 11.18 -29.19 1.42
CA ASN B 407 11.35 -30.14 0.33
C ASN B 407 12.60 -29.78 -0.48
N GLY B 408 13.73 -29.56 0.21
CA GLY B 408 15.01 -29.39 -0.45
C GLY B 408 15.25 -27.97 -0.98
N LYS B 409 14.19 -27.17 -1.11
CA LYS B 409 14.31 -25.80 -1.57
C LYS B 409 14.45 -24.86 -0.37
N LYS B 410 14.90 -23.62 -0.63
CA LYS B 410 15.09 -22.61 0.40
C LYS B 410 13.75 -22.32 1.09
N PRO B 411 13.75 -21.97 2.39
CA PRO B 411 12.51 -21.63 3.09
C PRO B 411 12.01 -20.27 2.63
N TYR B 412 10.77 -19.93 2.99
CA TYR B 412 10.18 -18.69 2.54
C TYR B 412 11.03 -17.52 3.03
N PRO B 413 10.96 -16.35 2.35
CA PRO B 413 11.87 -15.23 2.63
C PRO B 413 12.03 -14.77 4.07
N ASN B 414 11.05 -15.07 4.94
CA ASN B 414 11.06 -14.57 6.31
C ASN B 414 11.20 -15.73 7.31
N GLU B 415 11.90 -16.79 6.89
CA GLU B 415 12.02 -18.00 7.69
C GLU B 415 13.48 -18.34 7.99
N PHE B 416 14.38 -17.39 7.70
CA PHE B 416 15.80 -17.59 7.96
C PHE B 416 16.09 -17.30 9.43
N GLY B 417 15.35 -16.35 10.00
CA GLY B 417 15.41 -16.08 11.43
C GLY B 417 14.88 -17.27 12.23
N PHE B 418 15.10 -17.23 13.55
CA PHE B 418 14.66 -18.29 14.45
C PHE B 418 13.14 -18.30 14.51
N LYS B 419 12.60 -19.50 14.73
CA LYS B 419 11.17 -19.74 14.82
C LYS B 419 10.89 -20.78 15.89
N ASP B 420 9.74 -20.66 16.54
CA ASP B 420 9.24 -21.68 17.46
C ASP B 420 7.93 -22.27 16.93
N THR B 421 7.53 -21.89 15.71
CA THR B 421 6.28 -22.35 15.14
C THR B 421 6.38 -22.22 13.62
N VAL B 422 6.20 -23.35 12.93
CA VAL B 422 6.38 -23.41 11.48
C VAL B 422 5.18 -24.08 10.84
N ALA B 423 4.77 -23.55 9.68
CA ALA B 423 3.68 -24.12 8.90
C ALA B 423 4.21 -25.28 8.07
N VAL B 424 3.41 -26.35 7.99
CA VAL B 424 3.75 -27.51 7.19
C VAL B 424 2.62 -27.77 6.19
N ASN B 425 2.94 -27.59 4.90
CA ASN B 425 1.98 -27.79 3.83
C ASN B 425 1.84 -29.29 3.54
N PRO B 426 0.72 -29.72 2.92
CA PRO B 426 0.54 -31.12 2.54
C PRO B 426 1.57 -31.62 1.54
N GLY B 427 2.22 -32.74 1.88
CA GLY B 427 3.24 -33.35 1.04
C GLY B 427 4.62 -32.79 1.34
N GLU B 428 4.70 -31.87 2.32
CA GLU B 428 5.93 -31.12 2.56
C GLU B 428 6.72 -31.79 3.66
N HIS B 429 8.02 -31.96 3.40
CA HIS B 429 9.01 -32.29 4.41
C HIS B 429 9.75 -31.01 4.77
N VAL B 430 9.61 -30.59 6.03
CA VAL B 430 10.35 -29.45 6.56
C VAL B 430 11.51 -29.99 7.40
N LYS B 431 12.74 -29.61 7.05
CA LYS B 431 13.93 -30.01 7.80
C LYS B 431 14.35 -28.86 8.71
N LEU B 432 14.23 -29.06 10.02
CA LEU B 432 14.57 -28.04 11.01
C LEU B 432 15.92 -28.34 11.65
N LEU B 433 16.55 -27.31 12.21
CA LEU B 433 17.71 -27.46 13.07
C LEU B 433 17.31 -27.04 14.48
N VAL B 434 17.43 -27.98 15.43
CA VAL B 434 16.93 -27.76 16.78
C VAL B 434 18.07 -27.96 17.78
N LYS B 435 18.05 -27.14 18.84
CA LYS B 435 18.95 -27.31 19.98
C LYS B 435 18.22 -26.90 21.26
N PHE B 436 18.25 -27.79 22.26
CA PHE B 436 17.69 -27.46 23.56
C PHE B 436 18.83 -26.96 24.44
N ASN B 437 18.53 -25.94 25.25
CA ASN B 437 19.55 -25.25 26.03
C ASN B 437 19.39 -25.64 27.49
N VAL B 438 18.15 -25.59 28.00
CA VAL B 438 17.87 -26.15 29.31
C VAL B 438 17.49 -27.62 29.12
N PRO B 439 17.57 -28.46 30.18
CA PRO B 439 17.02 -29.81 30.15
C PRO B 439 15.58 -29.76 30.64
N GLY B 440 14.81 -30.81 30.34
CA GLY B 440 13.42 -30.89 30.78
C GLY B 440 12.54 -31.51 29.70
N ILE B 441 11.27 -31.74 30.08
CA ILE B 441 10.29 -32.39 29.23
C ILE B 441 9.44 -31.31 28.54
N PHE B 442 9.46 -31.34 27.20
CA PHE B 442 8.79 -30.35 26.38
C PHE B 442 7.81 -31.07 25.46
N MET B 443 6.79 -30.33 25.01
CA MET B 443 5.82 -30.86 24.06
C MET B 443 6.28 -30.54 22.64
N TYR B 444 5.75 -31.28 21.67
CA TYR B 444 5.66 -30.77 20.31
C TYR B 444 4.31 -31.17 19.74
N HIS B 445 3.61 -30.16 19.20
CA HIS B 445 2.20 -30.32 18.86
C HIS B 445 1.80 -29.29 17.81
N CYS B 446 0.90 -29.74 16.92
CA CYS B 446 0.14 -28.85 16.07
C CYS B 446 -0.55 -27.79 16.92
N HIS B 447 -0.50 -26.53 16.46
CA HIS B 447 -0.99 -25.42 17.26
C HIS B 447 -2.36 -24.94 16.79
N ILE B 448 -3.08 -25.79 16.05
CA ILE B 448 -4.53 -25.71 15.99
C ILE B 448 -5.04 -26.43 17.24
N LEU B 449 -5.67 -25.67 18.14
CA LEU B 449 -5.80 -26.05 19.53
C LEU B 449 -6.74 -27.25 19.70
N GLU B 450 -7.65 -27.44 18.74
CA GLU B 450 -8.61 -28.54 18.79
C GLU B 450 -7.97 -29.83 18.28
N HIS B 451 -6.71 -29.74 17.84
CA HIS B 451 -5.93 -30.91 17.53
C HIS B 451 -5.12 -31.25 18.78
N GLU B 452 -4.54 -30.20 19.38
CA GLU B 452 -3.81 -30.36 20.63
C GLU B 452 -4.72 -31.04 21.65
N ASP B 453 -6.00 -30.72 21.61
CA ASP B 453 -6.95 -31.27 22.56
C ASP B 453 -7.26 -32.72 22.16
N THR B 454 -7.60 -32.93 20.89
CA THR B 454 -7.91 -34.28 20.46
C THR B 454 -6.69 -35.16 20.72
N GLY B 455 -5.48 -34.59 20.65
CA GLY B 455 -4.31 -35.33 21.06
C GLY B 455 -3.20 -35.35 20.00
N MET B 456 -2.97 -34.23 19.30
CA MET B 456 -1.85 -34.16 18.37
C MET B 456 -0.64 -33.61 19.12
N MET B 457 -0.26 -34.27 20.21
CA MET B 457 0.83 -33.81 21.04
C MET B 457 1.75 -35.00 21.32
N ALA B 458 3.07 -34.75 21.25
CA ALA B 458 4.07 -35.70 21.69
C ALA B 458 5.08 -34.98 22.56
N GLN B 459 5.77 -35.74 23.41
CA GLN B 459 6.72 -35.17 24.37
C GLN B 459 8.13 -35.54 23.97
N ILE B 460 9.09 -34.66 24.30
CA ILE B 460 10.50 -34.96 24.16
C ILE B 460 11.21 -34.64 25.48
N GLU B 461 12.19 -35.49 25.82
CA GLU B 461 13.11 -35.22 26.91
C GLU B 461 14.35 -34.53 26.36
N ALA B 462 14.69 -33.38 26.94
CA ALA B 462 15.98 -32.75 26.69
C ALA B 462 16.95 -33.20 27.78
N VAL B 463 17.95 -34.01 27.39
CA VAL B 463 18.78 -34.71 28.36
C VAL B 463 20.12 -33.98 28.54
N ASP B 464 20.42 -33.63 29.79
CA ASP B 464 21.77 -33.26 30.21
C ASP B 464 22.56 -34.54 30.44
N PRO B 465 23.65 -34.81 29.66
CA PRO B 465 24.44 -36.02 29.85
C PRO B 465 25.18 -36.08 31.19
N ASN B 466 25.43 -34.92 31.79
CA ASN B 466 26.31 -34.82 32.95
C ASN B 466 25.51 -34.85 34.26
N ASN B 467 24.24 -34.43 34.23
CA ASN B 467 23.46 -34.29 35.45
C ASN B 467 22.02 -34.72 35.21
N PRO B 468 21.78 -35.99 34.82
CA PRO B 468 20.42 -36.45 34.49
C PRO B 468 19.48 -36.37 35.70
N GLN B 469 18.21 -36.02 35.43
CA GLN B 469 17.15 -36.04 36.43
C GLN B 469 16.13 -37.12 36.04
N HIS B 470 15.90 -38.08 36.94
CA HIS B 470 15.03 -39.22 36.66
C HIS B 470 13.60 -38.74 36.47
N TRP B 471 12.92 -39.27 35.44
CA TRP B 471 11.58 -38.83 35.10
C TRP B 471 10.56 -39.94 35.37
N ASN B 472 9.62 -39.63 36.28
CA ASN B 472 8.45 -40.46 36.48
C ASN B 472 7.24 -39.67 35.99
N LEU B 473 6.45 -40.26 35.09
CA LEU B 473 5.40 -39.51 34.44
C LEU B 473 4.03 -40.02 34.88
N LYS B 474 3.21 -39.05 35.32
CA LYS B 474 1.86 -39.28 35.78
C LYS B 474 0.90 -38.47 34.92
N ASP B 475 -0.30 -38.99 34.72
CA ASP B 475 -1.27 -38.37 33.82
C ASP B 475 -2.29 -37.57 34.63
N LEU B 476 -2.48 -36.30 34.24
CA LEU B 476 -3.61 -35.50 34.70
C LEU B 476 -4.43 -35.06 33.48
N CYS B 477 -5.64 -35.61 33.31
CA CYS B 477 -6.45 -35.34 32.13
C CYS B 477 -7.79 -36.10 32.25
CU CU C . -6.07 23.05 -32.29
CU CU D . -9.81 16.87 -19.72
CU CU E . -7.48 19.53 -20.17
CU CU F . -11.05 19.92 -21.67
CU CU G . -3.11 -30.28 13.64
CU CU H . 4.74 -23.58 23.51
CU CU I . 1.36 -22.23 22.23
CU CU J . 1.89 -26.00 23.52
#